data_4G6V
#
_entry.id   4G6V
#
_cell.length_a   151.963
_cell.length_b   173.654
_cell.length_c   174.822
_cell.angle_alpha   90.00
_cell.angle_beta   90.00
_cell.angle_gamma   90.00
#
_symmetry.space_group_name_H-M   'F 2 2 2'
#
loop_
_entity.id
_entity.type
_entity.pdbx_description
1 polymer Adhesin/hemolysin
2 polymer CdiI
3 non-polymer 'BROMIDE ION'
4 water water
#
loop_
_entity_poly.entity_id
_entity_poly.type
_entity_poly.pdbx_seq_one_letter_code
_entity_poly.pdbx_strand_id
1 'polypeptide(L)'
;MGATDRTPPSNAILSNSNSDNNSTQGSQSGTVTKTPNPEATGSLSGKPTQIPPLSDEVTTRSLIRENQSAVTLANKGYDV
VQNPEVLGPKNPDYTINGQVFDNYAPATGNVRNIATTISNKVSSGQASNIVVNLADSSASPAAIEAQINSYPIPGLGKVI
VIDKLGNITIIKPKGN
;
A,C,E,G
2 'polypeptide(L)'
;MAIDLFCYLSIDRGAAESDLNKIRSNHSELFEGKFLISPVRDADFSLKEIAAEHGLVAESFFLVSLNDKNSADLIPIVSK
ILVDGFNGGAILILQDNEYRRTSLEHHHHHH
;
B,D,F,H
#
# COMPACT_ATOMS: atom_id res chain seq x y z
N GLY A 42 21.01 -5.05 34.11
CA GLY A 42 21.20 -5.12 32.67
C GLY A 42 22.67 -5.07 32.29
N SER A 43 22.98 -5.49 31.06
CA SER A 43 24.38 -5.67 30.66
C SER A 43 24.54 -5.87 29.12
N LEU A 44 25.72 -5.56 28.59
CA LEU A 44 25.98 -5.75 27.17
C LEU A 44 27.44 -6.09 26.91
N SER A 45 27.69 -7.26 26.34
CA SER A 45 29.05 -7.69 26.08
C SER A 45 29.12 -8.51 24.80
N GLY A 46 30.31 -9.03 24.53
CA GLY A 46 30.57 -9.67 23.26
C GLY A 46 30.76 -8.59 22.21
N LYS A 47 31.45 -8.95 21.14
CA LYS A 47 31.68 -8.03 20.04
C LYS A 47 30.36 -7.72 19.30
N PRO A 48 30.08 -6.42 19.09
CA PRO A 48 28.90 -6.00 18.32
C PRO A 48 29.15 -6.18 16.83
N THR A 49 28.08 -6.25 16.05
CA THR A 49 28.18 -6.65 14.64
C THR A 49 28.80 -5.58 13.71
N GLN A 50 29.84 -5.96 12.96
CA GLN A 50 30.46 -5.02 12.04
C GLN A 50 29.84 -5.13 10.64
N ILE A 51 29.33 -4.02 10.14
CA ILE A 51 28.62 -3.98 8.88
C ILE A 51 29.61 -3.70 7.76
N PRO A 52 29.72 -4.62 6.78
CA PRO A 52 30.64 -4.47 5.66
C PRO A 52 30.22 -3.30 4.78
N PRO A 53 31.18 -2.43 4.42
CA PRO A 53 30.97 -1.18 3.68
C PRO A 53 30.10 -1.38 2.45
N LEU A 54 30.33 -2.47 1.71
CA LEU A 54 29.63 -2.66 0.43
C LEU A 54 28.18 -3.12 0.55
N SER A 55 27.78 -3.62 1.70
CA SER A 55 26.38 -3.90 1.97
C SER A 55 25.53 -2.73 1.56
N ASP A 56 24.40 -3.01 0.93
CA ASP A 56 23.45 -2.00 0.46
C ASP A 56 22.53 -1.52 1.57
N GLU A 57 21.49 -0.77 1.21
CA GLU A 57 20.65 -0.14 2.23
C GLU A 57 19.82 -1.12 3.02
N VAL A 58 19.27 -2.12 2.34
CA VAL A 58 18.47 -3.17 2.96
C VAL A 58 19.26 -3.99 3.99
N THR A 59 20.37 -4.59 3.54
CA THR A 59 21.25 -5.39 4.40
C THR A 59 21.82 -4.56 5.53
N THR A 60 22.34 -3.38 5.20
CA THR A 60 22.83 -2.45 6.20
C THR A 60 21.80 -2.18 7.30
N ARG A 61 20.54 -1.97 6.91
CA ARG A 61 19.50 -1.65 7.86
C ARG A 61 19.20 -2.82 8.80
N SER A 62 19.27 -4.05 8.30
CA SER A 62 19.04 -5.22 9.16
C SER A 62 20.15 -5.40 10.19
N LEU A 63 21.40 -5.15 9.81
CA LEU A 63 22.50 -5.21 10.77
C LEU A 63 22.43 -4.06 11.80
N ILE A 64 22.11 -2.84 11.36
CA ILE A 64 21.88 -1.73 12.28
C ILE A 64 20.89 -2.19 13.35
N ARG A 65 19.72 -2.62 12.92
CA ARG A 65 18.66 -2.98 13.87
C ARG A 65 19.03 -4.09 14.86
N GLU A 66 19.93 -4.98 14.45
CA GLU A 66 20.43 -6.03 15.33
C GLU A 66 21.33 -5.43 16.43
N ASN A 67 22.27 -4.59 16.03
CA ASN A 67 23.11 -3.92 17.01
C ASN A 67 22.26 -3.06 17.94
N GLN A 68 21.20 -2.47 17.39
CA GLN A 68 20.30 -1.63 18.18
C GLN A 68 19.43 -2.40 19.17
N SER A 69 18.95 -3.58 18.77
CA SER A 69 18.14 -4.40 19.68
C SER A 69 18.92 -4.83 20.90
N ALA A 70 20.22 -5.09 20.71
CA ALA A 70 21.11 -5.47 21.80
C ALA A 70 21.19 -4.37 22.85
N VAL A 71 21.44 -3.15 22.40
CA VAL A 71 21.59 -2.04 23.32
C VAL A 71 20.28 -1.77 24.05
N THR A 72 19.17 -1.85 23.32
CA THR A 72 17.85 -1.54 23.88
C THR A 72 17.51 -2.50 24.99
N LEU A 73 17.86 -3.76 24.80
CA LEU A 73 17.54 -4.80 25.78
C LEU A 73 18.45 -4.72 27.00
N ALA A 74 19.75 -4.52 26.75
CA ALA A 74 20.70 -4.40 27.82
C ALA A 74 20.26 -3.25 28.75
N ASN A 75 19.66 -2.21 28.16
CA ASN A 75 19.21 -1.07 28.97
C ASN A 75 17.86 -1.30 29.61
N LYS A 76 17.26 -2.47 29.34
CA LYS A 76 15.98 -2.82 29.94
C LYS A 76 16.16 -3.89 31.03
N GLY A 77 17.40 -4.33 31.20
CA GLY A 77 17.72 -5.25 32.28
C GLY A 77 18.14 -6.65 31.86
N TYR A 78 18.21 -6.93 30.56
CA TYR A 78 18.68 -8.24 30.13
C TYR A 78 20.20 -8.26 30.08
N ASP A 79 20.76 -9.45 30.27
CA ASP A 79 22.18 -9.62 30.07
C ASP A 79 22.35 -10.10 28.64
N VAL A 80 22.94 -9.26 27.80
CA VAL A 80 23.04 -9.53 26.38
C VAL A 80 24.46 -9.76 25.91
N VAL A 81 24.72 -10.94 25.34
CA VAL A 81 25.98 -11.18 24.64
C VAL A 81 25.82 -11.25 23.12
N GLN A 82 26.51 -10.35 22.43
CA GLN A 82 26.44 -10.29 20.98
C GLN A 82 27.44 -11.23 20.32
N ASN A 83 26.99 -11.89 19.26
CA ASN A 83 27.82 -12.83 18.52
C ASN A 83 28.58 -13.81 19.43
N PRO A 84 27.83 -14.55 20.26
CA PRO A 84 28.41 -15.51 21.20
C PRO A 84 29.01 -16.71 20.49
N GLU A 85 30.15 -17.23 20.94
CA GLU A 85 30.56 -18.55 20.47
C GLU A 85 29.54 -19.63 20.92
N VAL A 86 29.14 -20.52 20.01
CA VAL A 86 28.33 -21.68 20.40
C VAL A 86 28.64 -22.91 19.54
N LEU A 87 28.23 -24.07 20.06
CA LEU A 87 28.68 -25.35 19.53
C LEU A 87 28.37 -25.57 18.03
N GLY A 88 27.10 -25.50 17.67
CA GLY A 88 26.71 -25.77 16.29
C GLY A 88 27.44 -25.02 15.18
N PRO A 89 27.17 -25.40 13.93
CA PRO A 89 27.78 -24.70 12.78
C PRO A 89 27.22 -23.28 12.72
N LYS A 90 26.11 -23.12 13.43
CA LYS A 90 25.35 -21.89 13.44
C LYS A 90 25.94 -20.83 14.39
N ASN A 91 25.81 -19.57 14.01
CA ASN A 91 26.32 -18.45 14.80
C ASN A 91 25.18 -17.49 15.15
N PRO A 92 24.54 -17.71 16.31
CA PRO A 92 23.40 -16.85 16.67
C PRO A 92 23.77 -15.38 16.91
N ASP A 93 22.77 -14.53 16.81
CA ASP A 93 22.92 -13.09 17.00
C ASP A 93 23.31 -12.75 18.45
N TYR A 94 22.49 -13.20 19.38
CA TYR A 94 22.68 -12.91 20.79
C TYR A 94 22.66 -14.15 21.67
N THR A 95 22.81 -13.87 22.97
CA THR A 95 22.47 -14.76 24.09
C THR A 95 21.76 -13.85 25.12
N ILE A 96 20.50 -14.12 25.46
CA ILE A 96 19.75 -13.21 26.31
C ILE A 96 19.42 -13.93 27.61
N ASN A 97 20.11 -13.50 28.68
CA ASN A 97 20.07 -14.22 29.95
C ASN A 97 20.35 -15.71 29.77
N GLY A 98 21.33 -16.01 28.91
CA GLY A 98 21.77 -17.37 28.70
C GLY A 98 21.21 -18.04 27.45
N GLN A 99 19.98 -17.69 27.06
CA GLN A 99 19.29 -18.30 25.91
C GLN A 99 19.73 -17.75 24.54
N VAL A 100 20.11 -18.64 23.60
CA VAL A 100 20.38 -18.17 22.24
C VAL A 100 19.13 -17.52 21.61
N PHE A 101 19.35 -16.33 21.04
CA PHE A 101 18.31 -15.50 20.43
C PHE A 101 18.75 -14.99 19.05
N ASP A 102 17.79 -14.73 18.18
CA ASP A 102 18.09 -14.11 16.89
C ASP A 102 17.23 -12.86 16.68
N ASN A 103 17.79 -11.86 15.99
CA ASN A 103 17.06 -10.63 15.67
C ASN A 103 16.36 -10.74 14.33
N TYR A 104 15.14 -10.23 14.27
CA TYR A 104 14.38 -10.17 13.02
C TYR A 104 13.66 -8.82 12.95
N ALA A 105 14.03 -8.04 11.94
CA ALA A 105 13.58 -6.65 11.89
C ALA A 105 12.74 -6.42 10.65
N PRO A 106 11.48 -6.88 10.69
CA PRO A 106 10.57 -6.83 9.54
C PRO A 106 10.38 -5.40 9.05
N ALA A 107 10.44 -5.21 7.74
CA ALA A 107 10.12 -3.93 7.14
C ALA A 107 8.69 -4.01 6.64
N THR A 108 8.25 -5.23 6.34
CA THR A 108 6.87 -5.47 5.96
C THR A 108 5.96 -5.14 7.14
N GLY A 109 4.72 -4.76 6.81
CA GLY A 109 3.67 -4.61 7.80
C GLY A 109 2.65 -5.74 7.76
N ASN A 110 2.86 -6.72 6.88
CA ASN A 110 1.94 -7.86 6.75
C ASN A 110 2.14 -8.87 7.87
N VAL A 111 1.34 -8.73 8.93
CA VAL A 111 1.47 -9.56 10.12
C VAL A 111 1.46 -11.08 9.87
N ARG A 112 0.60 -11.52 8.96
CA ARG A 112 0.55 -12.94 8.62
C ARG A 112 1.88 -13.39 8.04
N ASN A 113 2.40 -12.57 7.13
CA ASN A 113 3.67 -12.85 6.47
C ASN A 113 4.82 -12.84 7.48
N ILE A 114 4.75 -11.92 8.43
CA ILE A 114 5.71 -11.88 9.51
C ILE A 114 5.73 -13.21 10.25
N ALA A 115 4.54 -13.71 10.58
CA ALA A 115 4.44 -15.06 11.18
C ALA A 115 5.01 -16.12 10.26
N THR A 116 4.58 -16.13 8.99
CA THR A 116 5.06 -17.13 8.04
C THR A 116 6.59 -17.13 8.04
N THR A 117 7.15 -15.95 8.17
CA THR A 117 8.58 -15.75 8.04
C THR A 117 9.27 -16.36 9.24
N ILE A 118 8.82 -15.96 10.42
CA ILE A 118 9.29 -16.53 11.66
C ILE A 118 9.20 -18.06 11.63
N SER A 119 8.00 -18.56 11.35
CA SER A 119 7.76 -20.00 11.27
C SER A 119 8.86 -20.70 10.47
N ASN A 120 9.13 -20.19 9.27
CA ASN A 120 10.17 -20.76 8.41
C ASN A 120 11.62 -20.55 8.85
N LYS A 121 11.88 -19.41 9.47
CA LYS A 121 13.16 -19.18 10.11
C LYS A 121 13.39 -20.27 11.14
N VAL A 122 12.33 -20.67 11.83
CA VAL A 122 12.39 -21.79 12.76
C VAL A 122 12.52 -23.14 12.04
N SER A 123 11.55 -23.50 11.21
CA SER A 123 11.60 -24.82 10.53
C SER A 123 12.80 -25.04 9.60
N SER A 124 13.16 -24.05 8.79
CA SER A 124 14.29 -24.26 7.88
C SER A 124 15.61 -23.73 8.42
N GLY A 125 15.53 -22.66 9.21
CA GLY A 125 16.72 -22.01 9.74
C GLY A 125 17.14 -22.45 11.13
N GLN A 126 16.27 -23.16 11.84
CA GLN A 126 16.57 -23.71 13.16
C GLN A 126 16.76 -22.62 14.19
N ALA A 127 16.04 -21.52 13.96
CA ALA A 127 15.93 -20.49 14.97
C ALA A 127 14.93 -21.01 16.03
N SER A 128 15.03 -20.48 17.24
CA SER A 128 14.13 -20.80 18.34
C SER A 128 13.59 -19.51 18.97
N ASN A 129 14.46 -18.80 19.69
CA ASN A 129 14.10 -17.55 20.35
C ASN A 129 14.40 -16.33 19.48
N ILE A 130 13.37 -15.51 19.26
CA ILE A 130 13.46 -14.42 18.31
C ILE A 130 13.20 -13.07 18.97
N VAL A 131 14.11 -12.13 18.75
CA VAL A 131 13.82 -10.73 19.03
C VAL A 131 13.19 -10.13 17.77
N VAL A 132 11.97 -9.62 17.91
CA VAL A 132 11.31 -8.99 16.79
C VAL A 132 11.26 -7.49 17.00
N ASN A 133 12.02 -6.77 16.19
CA ASN A 133 12.19 -5.33 16.29
C ASN A 133 11.33 -4.58 15.29
N LEU A 134 10.32 -3.88 15.79
CA LEU A 134 9.34 -3.22 14.90
C LEU A 134 9.72 -1.81 14.41
N ALA A 135 11.01 -1.46 14.48
CA ALA A 135 11.49 -0.13 14.05
C ALA A 135 10.94 0.31 12.69
N ASP A 136 11.05 -0.56 11.69
CA ASP A 136 10.65 -0.21 10.33
C ASP A 136 9.36 -0.90 9.89
N SER A 137 8.61 -1.47 10.82
CA SER A 137 7.36 -2.14 10.48
C SER A 137 6.15 -1.38 10.99
N SER A 138 5.04 -1.45 10.29
CA SER A 138 3.81 -0.78 10.73
C SER A 138 2.86 -1.73 11.45
N ALA A 139 3.33 -2.95 11.71
CA ALA A 139 2.52 -3.98 12.38
C ALA A 139 2.57 -3.83 13.88
N SER A 140 1.40 -3.84 14.52
CA SER A 140 1.33 -3.60 15.96
C SER A 140 1.81 -4.82 16.75
N PRO A 141 2.52 -4.57 17.86
CA PRO A 141 2.93 -5.64 18.79
C PRO A 141 1.73 -6.52 19.15
N ALA A 142 0.58 -5.89 19.41
CA ALA A 142 -0.66 -6.58 19.75
C ALA A 142 -1.04 -7.63 18.70
N ALA A 143 -0.96 -7.22 17.44
CA ALA A 143 -1.44 -8.03 16.35
C ALA A 143 -0.51 -9.20 16.12
N ILE A 144 0.78 -9.00 16.38
CA ILE A 144 1.72 -10.10 16.24
C ILE A 144 1.43 -11.20 17.28
N GLU A 145 1.19 -10.77 18.52
CA GLU A 145 0.89 -11.68 19.62
C GLU A 145 -0.37 -12.48 19.36
N ALA A 146 -1.41 -11.80 18.86
CA ALA A 146 -2.65 -12.48 18.50
C ALA A 146 -2.41 -13.57 17.46
N GLN A 147 -1.67 -13.21 16.40
CA GLN A 147 -1.36 -14.12 15.30
C GLN A 147 -0.57 -15.36 15.78
N ILE A 148 0.53 -15.11 16.47
CA ILE A 148 1.35 -16.21 17.00
C ILE A 148 0.60 -17.10 17.99
N ASN A 149 -0.48 -16.57 18.59
CA ASN A 149 -1.26 -17.37 19.53
C ASN A 149 -2.39 -18.17 18.89
N SER A 150 -3.08 -17.61 17.92
CA SER A 150 -4.17 -18.36 17.29
C SER A 150 -3.67 -19.45 16.35
N TYR A 151 -2.38 -19.43 16.05
CA TYR A 151 -1.76 -20.40 15.16
C TYR A 151 -0.37 -20.73 15.67
N PRO A 152 -0.29 -21.60 16.67
CA PRO A 152 1.06 -21.84 17.21
C PRO A 152 2.05 -22.23 16.11
N ILE A 153 3.30 -21.90 16.34
CA ILE A 153 4.33 -22.14 15.36
C ILE A 153 5.26 -23.21 15.91
N PRO A 154 5.26 -24.39 15.28
CA PRO A 154 6.07 -25.49 15.83
C PRO A 154 7.53 -25.06 15.99
N GLY A 155 8.11 -25.40 17.14
CA GLY A 155 9.53 -25.19 17.40
C GLY A 155 9.84 -23.85 18.02
N LEU A 156 8.88 -22.94 17.94
CA LEU A 156 9.12 -21.55 18.33
C LEU A 156 9.34 -21.39 19.83
N GLY A 157 10.39 -20.67 20.21
CA GLY A 157 10.71 -20.44 21.61
C GLY A 157 10.14 -19.13 22.15
N LYS A 158 10.94 -18.41 22.93
CA LYS A 158 10.49 -17.14 23.49
C LYS A 158 10.58 -16.11 22.40
N VAL A 159 9.57 -15.25 22.33
CA VAL A 159 9.64 -14.10 21.44
C VAL A 159 9.61 -12.80 22.22
N ILE A 160 10.61 -11.95 21.99
CA ILE A 160 10.62 -10.61 22.57
C ILE A 160 10.32 -9.53 21.53
N VAL A 161 9.21 -8.82 21.71
CA VAL A 161 8.87 -7.70 20.81
C VAL A 161 9.42 -6.37 21.32
N ILE A 162 10.06 -5.62 20.42
CA ILE A 162 10.44 -4.23 20.69
C ILE A 162 9.64 -3.35 19.74
N ASP A 163 8.74 -2.52 20.26
CA ASP A 163 7.94 -1.69 19.38
C ASP A 163 8.69 -0.41 18.98
N LYS A 164 8.04 0.46 18.19
CA LYS A 164 8.70 1.68 17.72
C LYS A 164 9.22 2.59 18.84
N LEU A 165 8.60 2.50 20.02
CA LEU A 165 8.98 3.39 21.12
C LEU A 165 10.00 2.76 22.08
N GLY A 166 10.45 1.56 21.76
CA GLY A 166 11.36 0.83 22.63
C GLY A 166 10.70 0.10 23.81
N ASN A 167 9.38 -0.08 23.73
CA ASN A 167 8.65 -0.88 24.72
C ASN A 167 8.75 -2.39 24.49
N ILE A 168 9.14 -3.13 25.53
CA ILE A 168 9.25 -4.57 25.43
C ILE A 168 7.96 -5.28 25.86
N THR A 169 7.44 -6.11 24.95
CA THR A 169 6.47 -7.14 25.32
C THR A 169 7.05 -8.54 25.10
N ILE A 170 6.54 -9.50 25.86
CA ILE A 170 6.99 -10.88 25.76
C ILE A 170 5.88 -11.80 25.26
N ILE A 171 6.24 -12.69 24.34
CA ILE A 171 5.35 -13.78 23.93
C ILE A 171 6.06 -15.08 24.24
N LYS A 172 5.53 -15.81 25.24
CA LYS A 172 6.18 -16.99 25.80
C LYS A 172 5.89 -18.31 25.06
N PRO A 173 6.89 -19.19 25.08
CA PRO A 173 6.80 -20.50 24.47
C PRO A 173 5.72 -21.38 25.11
N ALA B 2 19.72 -11.91 12.36
CA ALA B 2 19.92 -13.04 11.45
C ALA B 2 19.36 -12.73 10.07
N ILE B 3 20.17 -12.93 9.05
CA ILE B 3 19.70 -12.66 7.69
C ILE B 3 19.48 -13.92 6.86
N ASP B 4 18.28 -14.05 6.31
CA ASP B 4 17.92 -15.24 5.58
C ASP B 4 17.35 -14.91 4.20
N LEU B 5 17.87 -15.59 3.19
CA LEU B 5 17.30 -15.55 1.85
C LEU B 5 16.23 -16.64 1.72
N PHE B 6 15.00 -16.18 1.52
CA PHE B 6 13.88 -17.08 1.27
C PHE B 6 13.84 -17.36 -0.22
N CYS B 7 13.98 -18.61 -0.60
CA CYS B 7 14.14 -18.97 -2.01
C CYS B 7 13.03 -19.86 -2.40
N TYR B 8 12.18 -19.38 -3.29
CA TYR B 8 11.11 -20.18 -3.87
C TYR B 8 11.47 -20.67 -5.27
N LEU B 9 11.12 -21.93 -5.55
CA LEU B 9 11.42 -22.56 -6.82
C LEU B 9 10.17 -23.09 -7.51
N SER B 10 10.17 -23.04 -8.84
CA SER B 10 9.06 -23.56 -9.60
C SER B 10 9.20 -25.07 -9.74
N ILE B 11 10.43 -25.59 -9.64
CA ILE B 11 10.68 -27.04 -9.74
C ILE B 11 10.36 -27.81 -8.45
N ASP B 12 10.27 -29.13 -8.55
CA ASP B 12 9.93 -29.96 -7.38
C ASP B 12 11.13 -30.15 -6.43
N ARG B 13 10.83 -30.67 -5.25
CA ARG B 13 11.81 -30.73 -4.17
C ARG B 13 13.06 -31.53 -4.55
N GLY B 14 12.87 -32.76 -5.01
CA GLY B 14 13.96 -33.63 -5.42
C GLY B 14 14.91 -33.02 -6.43
N ALA B 15 14.36 -32.48 -7.52
CA ALA B 15 15.18 -31.85 -8.55
C ALA B 15 15.93 -30.65 -7.98
N ALA B 16 15.20 -29.83 -7.22
CA ALA B 16 15.77 -28.66 -6.56
C ALA B 16 17.03 -29.06 -5.80
N GLU B 17 16.92 -30.15 -5.06
CA GLU B 17 18.01 -30.60 -4.22
C GLU B 17 19.19 -31.08 -5.07
N SER B 18 18.90 -31.95 -6.04
CA SER B 18 19.91 -32.34 -7.01
C SER B 18 20.69 -31.11 -7.52
N ASP B 19 19.96 -30.09 -7.98
CA ASP B 19 20.59 -28.82 -8.38
C ASP B 19 21.43 -28.14 -7.26
N LEU B 20 20.91 -28.10 -6.04
CA LEU B 20 21.69 -27.55 -4.92
C LEU B 20 22.99 -28.30 -4.61
N ASN B 21 23.06 -29.58 -4.95
CA ASN B 21 24.29 -30.31 -4.71
C ASN B 21 25.40 -29.76 -5.59
N LYS B 22 25.05 -29.47 -6.83
CA LYS B 22 26.04 -28.95 -7.75
C LYS B 22 26.49 -27.56 -7.32
N ILE B 23 25.56 -26.74 -6.85
CA ILE B 23 25.90 -25.44 -6.31
C ILE B 23 26.89 -25.58 -5.16
N ARG B 24 26.54 -26.35 -4.14
CA ARG B 24 27.45 -26.62 -3.03
C ARG B 24 28.84 -27.09 -3.48
N SER B 25 28.90 -27.74 -4.62
CA SER B 25 30.14 -28.35 -5.07
C SER B 25 30.92 -27.34 -5.93
N ASN B 26 30.18 -26.36 -6.43
CA ASN B 26 30.72 -25.38 -7.36
C ASN B 26 31.13 -24.10 -6.62
N HIS B 27 30.64 -23.97 -5.39
CA HIS B 27 30.92 -22.80 -4.55
C HIS B 27 31.08 -23.20 -3.11
N SER B 28 32.07 -24.04 -2.87
CA SER B 28 32.44 -24.49 -1.54
C SER B 28 32.82 -23.33 -0.63
N GLU B 29 33.35 -22.26 -1.22
CA GLU B 29 33.80 -21.13 -0.42
C GLU B 29 32.64 -20.53 0.36
N LEU B 30 31.60 -20.12 -0.37
CA LEU B 30 30.44 -19.52 0.24
C LEU B 30 29.64 -20.50 1.09
N PHE B 31 29.46 -21.70 0.56
CA PHE B 31 28.44 -22.58 1.09
C PHE B 31 28.91 -23.61 2.12
N GLU B 32 30.20 -23.59 2.43
CA GLU B 32 30.68 -24.29 3.63
C GLU B 32 31.03 -23.27 4.70
N GLY B 33 30.03 -22.85 5.50
CA GLY B 33 30.29 -21.91 6.59
C GLY B 33 29.83 -20.44 6.49
N LYS B 34 30.26 -19.75 5.43
CA LYS B 34 29.85 -18.35 5.21
C LYS B 34 28.33 -18.20 5.03
N PHE B 35 27.75 -19.05 4.19
CA PHE B 35 26.31 -19.18 4.06
C PHE B 35 25.88 -20.62 4.31
N LEU B 36 24.76 -20.82 5.00
CA LEU B 36 24.26 -22.18 5.18
C LEU B 36 22.98 -22.38 4.39
N ILE B 37 22.96 -23.42 3.56
CA ILE B 37 21.78 -23.74 2.77
C ILE B 37 20.95 -24.83 3.44
N SER B 38 19.72 -24.47 3.84
CA SER B 38 18.82 -25.46 4.42
C SER B 38 18.47 -26.57 3.42
N PRO B 39 17.96 -27.69 3.92
CA PRO B 39 17.32 -28.67 3.04
C PRO B 39 16.15 -28.01 2.30
N VAL B 40 15.82 -28.54 1.13
CA VAL B 40 14.67 -28.06 0.37
C VAL B 40 13.42 -28.75 0.87
N ARG B 41 12.32 -28.00 0.96
CA ARG B 41 11.02 -28.60 1.26
C ARG B 41 9.99 -28.29 0.20
N ASP B 42 8.90 -29.03 0.22
CA ASP B 42 7.76 -28.73 -0.63
C ASP B 42 7.15 -27.47 -0.06
N ALA B 43 6.78 -26.55 -0.93
CA ALA B 43 6.12 -25.34 -0.49
C ALA B 43 4.71 -25.65 -0.04
N ASP B 44 4.33 -25.22 1.16
CA ASP B 44 2.94 -25.30 1.58
C ASP B 44 2.13 -24.12 1.03
N PHE B 45 0.89 -24.00 1.48
CA PHE B 45 -0.02 -22.98 0.94
C PHE B 45 0.46 -21.56 1.19
N SER B 46 1.06 -21.33 2.36
CA SER B 46 1.50 -19.99 2.76
C SER B 46 2.64 -19.52 1.90
N LEU B 47 3.65 -20.36 1.72
CA LEU B 47 4.78 -20.00 0.85
C LEU B 47 4.34 -19.79 -0.61
N LYS B 48 3.42 -20.64 -1.08
CA LYS B 48 2.89 -20.53 -2.43
C LYS B 48 2.16 -19.21 -2.65
N GLU B 49 1.50 -18.74 -1.59
CA GLU B 49 0.76 -17.50 -1.66
C GLU B 49 1.71 -16.31 -1.85
N ILE B 50 2.76 -16.26 -1.02
CA ILE B 50 3.77 -15.20 -1.09
C ILE B 50 4.54 -15.24 -2.41
N ALA B 51 4.96 -16.42 -2.87
CA ALA B 51 5.61 -16.54 -4.17
C ALA B 51 4.74 -16.03 -5.33
N ALA B 52 3.44 -16.24 -5.24
CA ALA B 52 2.52 -15.90 -6.33
C ALA B 52 2.23 -14.40 -6.41
N GLU B 53 2.42 -13.70 -5.30
CA GLU B 53 2.36 -12.23 -5.29
C GLU B 53 3.54 -11.60 -6.04
N HIS B 54 4.64 -12.36 -6.16
CA HIS B 54 5.81 -11.92 -6.89
C HIS B 54 6.01 -12.63 -8.23
N GLY B 55 4.92 -13.14 -8.80
CA GLY B 55 4.94 -13.70 -10.14
C GLY B 55 5.11 -15.21 -10.29
N LEU B 56 5.51 -15.89 -9.21
CA LEU B 56 5.98 -17.27 -9.31
C LEU B 56 5.05 -18.29 -8.66
N VAL B 57 4.83 -19.38 -9.39
CA VAL B 57 4.18 -20.59 -8.89
C VAL B 57 5.23 -21.51 -8.23
N ALA B 58 5.30 -21.52 -6.91
CA ALA B 58 6.34 -22.27 -6.21
C ALA B 58 5.91 -23.71 -5.90
N GLU B 59 6.81 -24.65 -6.13
CA GLU B 59 6.60 -26.04 -5.70
C GLU B 59 7.51 -26.39 -4.53
N SER B 60 8.72 -25.86 -4.54
CA SER B 60 9.64 -26.10 -3.45
C SER B 60 10.19 -24.78 -2.88
N PHE B 61 10.79 -24.87 -1.71
CA PHE B 61 11.29 -23.72 -0.99
C PHE B 61 12.53 -24.14 -0.20
N PHE B 62 13.51 -23.26 -0.10
CA PHE B 62 14.60 -23.53 0.81
C PHE B 62 15.16 -22.21 1.32
N LEU B 63 15.98 -22.29 2.36
CA LEU B 63 16.48 -21.10 3.01
C LEU B 63 18.00 -21.03 2.89
N VAL B 64 18.52 -19.81 2.75
CA VAL B 64 19.95 -19.56 2.79
C VAL B 64 20.26 -18.55 3.92
N SER B 65 20.97 -19.00 4.94
CA SER B 65 21.27 -18.15 6.08
C SER B 65 22.65 -17.55 5.96
N LEU B 66 22.75 -16.28 6.36
CA LEU B 66 24.03 -15.59 6.44
C LEU B 66 24.67 -16.02 7.76
N ASN B 67 25.67 -16.90 7.66
CA ASN B 67 26.30 -17.45 8.85
C ASN B 67 27.52 -16.66 9.29
N ASP B 68 28.22 -16.05 8.35
CA ASP B 68 29.33 -15.18 8.66
C ASP B 68 28.92 -13.73 8.36
N LYS B 69 28.75 -12.94 9.41
CA LYS B 69 28.31 -11.55 9.27
C LYS B 69 29.24 -10.74 8.37
N ASN B 70 30.54 -11.02 8.43
CA ASN B 70 31.53 -10.36 7.56
C ASN B 70 31.34 -10.58 6.08
N SER B 71 30.39 -11.43 5.70
CA SER B 71 30.16 -11.76 4.30
C SER B 71 28.80 -11.23 3.86
N ALA B 72 28.25 -10.33 4.66
CA ALA B 72 26.93 -9.75 4.41
C ALA B 72 26.89 -9.03 3.08
N ASP B 73 28.07 -8.69 2.57
CA ASP B 73 28.12 -7.98 1.30
C ASP B 73 28.14 -8.92 0.11
N LEU B 74 28.03 -10.24 0.34
CA LEU B 74 28.00 -11.15 -0.80
C LEU B 74 26.60 -11.60 -1.14
N ILE B 75 25.61 -11.08 -0.44
CA ILE B 75 24.24 -11.48 -0.71
C ILE B 75 23.83 -11.38 -2.19
N PRO B 76 24.12 -10.25 -2.85
CA PRO B 76 23.81 -10.08 -4.28
C PRO B 76 24.57 -11.03 -5.20
N ILE B 77 25.79 -11.40 -4.84
CA ILE B 77 26.53 -12.37 -5.63
C ILE B 77 26.04 -13.80 -5.37
N VAL B 78 25.74 -14.10 -4.11
CA VAL B 78 25.10 -15.37 -3.76
C VAL B 78 23.75 -15.52 -4.48
N SER B 79 22.97 -14.44 -4.50
CA SER B 79 21.68 -14.47 -5.19
C SER B 79 21.83 -14.82 -6.66
N LYS B 80 22.81 -14.20 -7.31
CA LYS B 80 23.07 -14.45 -8.72
C LYS B 80 23.52 -15.90 -8.96
N ILE B 81 24.43 -16.40 -8.14
CA ILE B 81 24.90 -17.79 -8.21
C ILE B 81 23.72 -18.77 -8.15
N LEU B 82 22.72 -18.40 -7.36
CA LEU B 82 21.53 -19.24 -7.20
C LEU B 82 20.61 -19.19 -8.45
N VAL B 83 20.32 -18.00 -8.96
CA VAL B 83 19.55 -17.84 -10.19
C VAL B 83 20.16 -18.67 -11.35
N ASP B 84 21.49 -18.76 -11.35
CA ASP B 84 22.22 -19.41 -12.44
C ASP B 84 22.31 -20.92 -12.28
N GLY B 85 22.27 -21.42 -11.04
CA GLY B 85 22.36 -22.84 -10.80
C GLY B 85 21.00 -23.51 -10.74
N PHE B 86 19.98 -22.75 -11.13
CA PHE B 86 18.63 -23.28 -11.31
C PHE B 86 18.16 -22.96 -12.72
N ASN B 87 19.05 -23.20 -13.68
CA ASN B 87 18.82 -22.87 -15.08
C ASN B 87 17.46 -23.38 -15.54
N GLY B 88 17.22 -24.66 -15.28
CA GLY B 88 16.01 -25.33 -15.73
C GLY B 88 14.70 -24.86 -15.11
N GLY B 89 14.74 -23.71 -14.43
CA GLY B 89 13.54 -23.20 -13.78
C GLY B 89 13.65 -21.79 -13.22
N ALA B 90 12.52 -21.32 -12.68
CA ALA B 90 12.43 -19.98 -12.13
C ALA B 90 12.70 -19.98 -10.61
N ILE B 91 13.35 -18.92 -10.15
CA ILE B 91 13.59 -18.77 -8.70
C ILE B 91 13.26 -17.37 -8.24
N LEU B 92 12.51 -17.25 -7.16
CA LEU B 92 12.28 -15.95 -6.55
C LEU B 92 13.12 -15.93 -5.27
N ILE B 93 13.88 -14.86 -5.04
CA ILE B 93 14.64 -14.74 -3.79
C ILE B 93 14.24 -13.51 -2.99
N LEU B 94 13.64 -13.72 -1.82
CA LEU B 94 13.31 -12.61 -0.95
C LEU B 94 14.20 -12.60 0.31
N GLN B 95 15.02 -11.57 0.44
CA GLN B 95 15.80 -11.42 1.65
C GLN B 95 14.82 -11.19 2.80
N ASP B 96 14.94 -12.04 3.83
CA ASP B 96 14.06 -12.05 4.99
C ASP B 96 12.59 -12.01 4.59
N ASN B 97 12.33 -12.64 3.45
CA ASN B 97 10.97 -12.85 2.98
C ASN B 97 10.25 -11.53 2.73
N GLU B 98 11.04 -10.48 2.46
CA GLU B 98 10.51 -9.12 2.25
C GLU B 98 11.02 -8.46 0.99
N TYR B 99 12.34 -8.45 0.82
CA TYR B 99 13.00 -7.71 -0.24
C TYR B 99 13.43 -8.56 -1.46
N ARG B 100 12.83 -8.31 -2.61
CA ARG B 100 13.14 -9.10 -3.80
C ARG B 100 14.55 -8.85 -4.31
N ARG B 101 15.37 -9.90 -4.34
CA ARG B 101 16.73 -9.79 -4.85
C ARG B 101 16.82 -10.27 -6.28
N THR B 102 15.72 -10.76 -6.82
CA THR B 102 15.73 -11.29 -8.16
C THR B 102 14.87 -10.46 -9.10
N SER B 103 15.09 -10.65 -10.40
CA SER B 103 14.37 -9.87 -11.39
C SER B 103 12.90 -10.26 -11.54
N LEU B 104 12.04 -9.24 -11.53
CA LEU B 104 10.63 -9.31 -11.90
C LEU B 104 9.69 -9.82 -10.82
N GLY C 42 -26.76 -16.36 -25.40
CA GLY C 42 -26.69 -15.35 -24.35
C GLY C 42 -27.89 -14.43 -24.36
N SER C 43 -28.16 -13.75 -23.25
CA SER C 43 -29.40 -12.98 -23.09
C SER C 43 -29.35 -12.02 -21.86
N LEU C 44 -30.13 -10.95 -21.90
CA LEU C 44 -30.20 -10.02 -20.79
C LEU C 44 -31.59 -9.41 -20.65
N SER C 45 -32.23 -9.64 -19.50
CA SER C 45 -33.58 -9.15 -19.25
C SER C 45 -33.79 -8.80 -17.79
N GLY C 46 -35.02 -8.40 -17.47
CA GLY C 46 -35.28 -7.83 -16.17
C GLY C 46 -34.78 -6.40 -16.15
N LYS C 47 -35.36 -5.59 -15.26
CA LYS C 47 -34.97 -4.21 -15.09
C LYS C 47 -33.55 -4.10 -14.52
N PRO C 48 -32.69 -3.30 -15.17
CA PRO C 48 -31.32 -3.05 -14.67
C PRO C 48 -31.37 -2.08 -13.51
N THR C 49 -30.32 -2.08 -12.68
CA THR C 49 -30.33 -1.35 -11.42
C THR C 49 -30.24 0.17 -11.56
N GLN C 50 -31.19 0.89 -10.97
CA GLN C 50 -31.16 2.35 -11.01
C GLN C 50 -30.40 2.95 -9.81
N ILE C 51 -29.38 3.72 -10.09
CA ILE C 51 -28.51 4.27 -9.06
C ILE C 51 -29.05 5.61 -8.62
N PRO C 52 -29.40 5.75 -7.33
CA PRO C 52 -29.93 6.99 -6.77
C PRO C 52 -28.88 8.10 -6.82
N PRO C 53 -29.29 9.28 -7.32
CA PRO C 53 -28.43 10.44 -7.55
C PRO C 53 -27.53 10.76 -6.35
N LEU C 54 -28.08 10.68 -5.14
CA LEU C 54 -27.33 11.09 -3.95
C LEU C 54 -26.26 10.11 -3.47
N SER C 55 -26.35 8.86 -3.89
CA SER C 55 -25.29 7.89 -3.66
C SER C 55 -23.94 8.52 -3.98
N ASP C 56 -22.96 8.26 -3.12
CA ASP C 56 -21.59 8.77 -3.25
C ASP C 56 -20.77 7.93 -4.23
N GLU C 57 -19.46 8.19 -4.29
CA GLU C 57 -18.62 7.52 -5.28
C GLU C 57 -18.46 6.04 -5.06
N VAL C 58 -18.31 5.63 -3.80
CA VAL C 58 -18.18 4.23 -3.41
C VAL C 58 -19.41 3.38 -3.74
N THR C 59 -20.56 3.79 -3.22
CA THR C 59 -21.86 3.16 -3.50
C THR C 59 -22.18 3.16 -5.00
N THR C 60 -22.04 4.33 -5.62
CA THR C 60 -22.25 4.45 -7.06
C THR C 60 -21.41 3.44 -7.85
N ARG C 61 -20.15 3.26 -7.47
CA ARG C 61 -19.27 2.35 -8.19
C ARG C 61 -19.69 0.88 -8.04
N SER C 62 -20.21 0.51 -6.88
CA SER C 62 -20.68 -0.87 -6.69
C SER C 62 -21.92 -1.16 -7.52
N LEU C 63 -22.83 -0.21 -7.65
CA LEU C 63 -24.00 -0.40 -8.51
C LEU C 63 -23.61 -0.42 -10.01
N ILE C 64 -22.71 0.47 -10.43
CA ILE C 64 -22.19 0.44 -11.79
C ILE C 64 -21.71 -0.97 -12.09
N ARG C 65 -20.79 -1.46 -11.27
CA ARG C 65 -20.18 -2.77 -11.53
C ARG C 65 -21.18 -3.95 -11.61
N GLU C 66 -22.28 -3.83 -10.87
CA GLU C 66 -23.34 -4.83 -10.91
C GLU C 66 -24.08 -4.79 -12.26
N ASN C 67 -24.44 -3.60 -12.72
CA ASN C 67 -25.05 -3.48 -14.03
C ASN C 67 -24.09 -3.94 -15.11
N GLN C 68 -22.81 -3.69 -14.89
CA GLN C 68 -21.81 -4.07 -15.88
C GLN C 68 -21.54 -5.57 -15.93
N SER C 69 -21.55 -6.25 -14.78
CA SER C 69 -21.38 -7.71 -14.76
C SER C 69 -22.48 -8.44 -15.51
N ALA C 70 -23.70 -7.89 -15.46
CA ALA C 70 -24.84 -8.44 -16.16
C ALA C 70 -24.61 -8.44 -17.66
N VAL C 71 -24.21 -7.30 -18.19
CA VAL C 71 -24.02 -7.14 -19.62
C VAL C 71 -22.88 -8.04 -20.09
N THR C 72 -21.80 -8.08 -19.30
CA THR C 72 -20.61 -8.85 -19.66
C THR C 72 -20.93 -10.33 -19.76
N LEU C 73 -21.78 -10.82 -18.87
CA LEU C 73 -22.12 -12.24 -18.85
C LEU C 73 -23.11 -12.60 -19.95
N ALA C 74 -24.12 -11.75 -20.13
CA ALA C 74 -25.10 -11.95 -21.19
C ALA C 74 -24.35 -12.05 -22.53
N ASN C 75 -23.28 -11.29 -22.68
CA ASN C 75 -22.51 -11.32 -23.92
C ASN C 75 -21.53 -12.48 -23.99
N LYS C 76 -21.47 -13.27 -22.92
CA LYS C 76 -20.62 -14.44 -22.89
C LYS C 76 -21.42 -15.73 -23.01
N GLY C 77 -22.74 -15.58 -23.09
CA GLY C 77 -23.60 -16.73 -23.30
C GLY C 77 -24.53 -17.10 -22.17
N TYR C 78 -24.48 -16.37 -21.06
CA TYR C 78 -25.41 -16.67 -19.96
C TYR C 78 -26.74 -15.99 -20.17
N ASP C 79 -27.79 -16.60 -19.66
CA ASP C 79 -29.09 -15.96 -19.66
C ASP C 79 -29.21 -15.23 -18.33
N VAL C 80 -29.19 -13.91 -18.38
CA VAL C 80 -29.14 -13.09 -17.17
C VAL C 80 -30.42 -12.30 -16.94
N VAL C 81 -31.04 -12.52 -15.77
CA VAL C 81 -32.16 -11.67 -15.34
C VAL C 81 -31.78 -10.79 -14.17
N GLN C 82 -31.85 -9.48 -14.37
CA GLN C 82 -31.49 -8.51 -13.34
C GLN C 82 -32.67 -8.22 -12.41
N ASN C 83 -32.39 -8.12 -11.11
CA ASN C 83 -33.41 -7.84 -10.11
C ASN C 83 -34.67 -8.68 -10.29
N PRO C 84 -34.48 -10.02 -10.29
CA PRO C 84 -35.60 -10.96 -10.45
C PRO C 84 -36.53 -10.97 -9.24
N GLU C 85 -37.84 -11.08 -9.43
CA GLU C 85 -38.70 -11.40 -8.29
C GLU C 85 -38.34 -12.79 -7.73
N VAL C 86 -38.22 -12.91 -6.41
CA VAL C 86 -38.09 -14.24 -5.77
C VAL C 86 -38.77 -14.28 -4.40
N LEU C 87 -39.03 -15.51 -3.94
CA LEU C 87 -39.88 -15.75 -2.79
C LEU C 87 -39.44 -15.04 -1.50
N GLY C 88 -38.22 -15.30 -1.05
CA GLY C 88 -37.75 -14.75 0.21
C GLY C 88 -37.88 -13.24 0.40
N PRO C 89 -37.60 -12.74 1.60
CA PRO C 89 -37.62 -11.30 1.87
C PRO C 89 -36.49 -10.65 1.06
N LYS C 90 -35.58 -11.51 0.64
CA LYS C 90 -34.36 -11.09 -0.03
C LYS C 90 -34.56 -10.81 -1.53
N ASN C 91 -33.83 -9.81 -2.03
CA ASN C 91 -33.91 -9.45 -3.44
C ASN C 91 -32.55 -9.61 -4.12
N PRO C 92 -32.27 -10.78 -4.69
CA PRO C 92 -30.96 -11.00 -5.32
C PRO C 92 -30.70 -10.08 -6.52
N ASP C 93 -29.41 -9.94 -6.83
CA ASP C 93 -28.94 -9.16 -7.95
C ASP C 93 -29.38 -9.73 -9.29
N TYR C 94 -29.03 -10.99 -9.53
CA TYR C 94 -29.35 -11.65 -10.79
C TYR C 94 -30.01 -12.98 -10.61
N THR C 95 -30.25 -13.61 -11.77
CA THR C 95 -30.54 -15.03 -11.95
C THR C 95 -29.72 -15.47 -13.18
N ILE C 96 -28.77 -16.39 -13.01
CA ILE C 96 -27.86 -16.75 -14.10
C ILE C 96 -28.13 -18.19 -14.52
N ASN C 97 -28.73 -18.33 -15.70
CA ASN C 97 -29.25 -19.62 -16.17
C ASN C 97 -30.11 -20.27 -15.07
N GLY C 98 -30.93 -19.46 -14.42
CA GLY C 98 -31.90 -19.96 -13.47
C GLY C 98 -31.50 -19.79 -12.01
N GLN C 99 -30.19 -19.88 -11.73
CA GLN C 99 -29.64 -19.80 -10.37
C GLN C 99 -29.54 -18.36 -9.80
N VAL C 100 -30.06 -18.13 -8.59
CA VAL C 100 -29.88 -16.82 -7.97
C VAL C 100 -28.39 -16.56 -7.72
N PHE C 101 -27.95 -15.35 -8.13
CA PHE C 101 -26.56 -14.91 -8.03
C PHE C 101 -26.48 -13.51 -7.43
N ASP C 102 -25.36 -13.17 -6.79
CA ASP C 102 -25.13 -11.82 -6.32
C ASP C 102 -23.79 -11.28 -6.82
N ASN C 103 -23.73 -9.97 -7.06
CA ASN C 103 -22.49 -9.33 -7.51
C ASN C 103 -21.68 -8.81 -6.34
N TYR C 104 -20.37 -9.00 -6.41
CA TYR C 104 -19.45 -8.48 -5.41
C TYR C 104 -18.22 -7.94 -6.14
N ALA C 105 -17.97 -6.63 -5.96
CA ALA C 105 -16.98 -5.93 -6.76
C ALA C 105 -15.91 -5.35 -5.88
N PRO C 106 -15.01 -6.21 -5.38
CA PRO C 106 -13.99 -5.82 -4.40
C PRO C 106 -13.12 -4.72 -4.93
N ALA C 107 -12.86 -3.70 -4.11
CA ALA C 107 -11.91 -2.66 -4.46
C ALA C 107 -10.59 -2.99 -3.77
N THR C 108 -10.70 -3.72 -2.66
CA THR C 108 -9.52 -4.25 -1.98
C THR C 108 -8.77 -5.22 -2.88
N GLY C 109 -7.46 -5.31 -2.66
CA GLY C 109 -6.64 -6.33 -3.30
C GLY C 109 -6.23 -7.44 -2.34
N ASN C 110 -6.70 -7.38 -1.10
CA ASN C 110 -6.36 -8.39 -0.08
C ASN C 110 -7.18 -9.66 -0.25
N VAL C 111 -6.61 -10.62 -0.95
CA VAL C 111 -7.31 -11.85 -1.32
C VAL C 111 -7.93 -12.62 -0.15
N ARG C 112 -7.21 -12.69 0.96
CA ARG C 112 -7.72 -13.34 2.15
C ARG C 112 -9.00 -12.64 2.63
N ASN C 113 -8.92 -11.32 2.69
CA ASN C 113 -10.06 -10.50 3.10
C ASN C 113 -11.24 -10.67 2.14
N ILE C 114 -10.93 -10.77 0.86
CA ILE C 114 -11.97 -11.01 -0.13
C ILE C 114 -12.70 -12.33 0.18
N ALA C 115 -11.93 -13.37 0.49
CA ALA C 115 -12.54 -14.62 0.94
C ALA C 115 -13.35 -14.41 2.23
N THR C 116 -12.74 -13.75 3.24
CA THR C 116 -13.43 -13.53 4.51
C THR C 116 -14.77 -12.86 4.22
N THR C 117 -14.77 -11.98 3.24
CA THR C 117 -15.91 -11.15 2.94
C THR C 117 -17.01 -12.00 2.34
N ILE C 118 -16.66 -12.73 1.29
CA ILE C 118 -17.55 -13.70 0.69
C ILE C 118 -18.14 -14.64 1.73
N SER C 119 -17.25 -15.27 2.50
CA SER C 119 -17.66 -16.22 3.53
C SER C 119 -18.80 -15.64 4.37
N ASN C 120 -18.59 -14.42 4.87
CA ASN C 120 -19.60 -13.74 5.69
C ASN C 120 -20.86 -13.26 4.98
N LYS C 121 -20.70 -12.86 3.72
CA LYS C 121 -21.84 -12.60 2.86
C LYS C 121 -22.70 -13.85 2.76
N VAL C 122 -22.05 -15.01 2.75
CA VAL C 122 -22.77 -16.28 2.79
C VAL C 122 -23.36 -16.56 4.17
N SER C 123 -22.52 -16.64 5.19
CA SER C 123 -23.01 -16.98 6.54
C SER C 123 -24.02 -15.99 7.13
N SER C 124 -23.74 -14.69 7.05
CA SER C 124 -24.67 -13.72 7.64
C SER C 124 -25.68 -13.15 6.65
N GLY C 125 -25.30 -13.07 5.38
CA GLY C 125 -26.16 -12.51 4.35
C GLY C 125 -26.95 -13.51 3.52
N GLN C 126 -26.64 -14.80 3.64
CA GLN C 126 -27.38 -15.87 2.98
C GLN C 126 -27.24 -15.79 1.47
N ALA C 127 -26.09 -15.30 1.05
CA ALA C 127 -25.71 -15.38 -0.33
C ALA C 127 -25.25 -16.81 -0.60
N SER C 128 -25.33 -17.24 -1.85
CA SER C 128 -24.88 -18.56 -2.26
C SER C 128 -23.93 -18.45 -3.47
N ASN C 129 -24.51 -18.08 -4.61
CA ASN C 129 -23.75 -17.93 -5.85
C ASN C 129 -23.33 -16.49 -6.08
N ILE C 130 -22.02 -16.29 -6.26
CA ILE C 130 -21.46 -14.96 -6.31
C ILE C 130 -20.75 -14.70 -7.64
N VAL C 131 -21.11 -13.60 -8.30
CA VAL C 131 -20.26 -13.04 -9.35
C VAL C 131 -19.22 -12.12 -8.68
N VAL C 132 -17.94 -12.43 -8.91
CA VAL C 132 -16.88 -11.59 -8.37
C VAL C 132 -16.22 -10.83 -9.51
N ASN C 133 -16.43 -9.52 -9.52
CA ASN C 133 -15.97 -8.64 -10.58
C ASN C 133 -14.71 -7.90 -10.19
N LEU C 134 -13.59 -8.24 -10.84
CA LEU C 134 -12.28 -7.70 -10.45
C LEU C 134 -11.89 -6.35 -11.08
N ALA C 135 -12.89 -5.62 -11.59
CA ALA C 135 -12.67 -4.32 -12.24
C ALA C 135 -11.74 -3.40 -11.43
N ASP C 136 -12.04 -3.21 -10.16
CA ASP C 136 -11.29 -2.28 -9.33
C ASP C 136 -10.37 -2.96 -8.31
N SER C 137 -10.13 -4.25 -8.47
CA SER C 137 -9.27 -4.98 -7.55
C SER C 137 -7.96 -5.39 -8.21
N SER C 138 -6.88 -5.46 -7.45
CA SER C 138 -5.60 -5.89 -7.99
C SER C 138 -5.30 -7.36 -7.71
N ALA C 139 -6.29 -8.07 -7.17
CA ALA C 139 -6.15 -9.48 -6.84
C ALA C 139 -6.40 -10.37 -8.05
N SER C 140 -5.50 -11.31 -8.30
CA SER C 140 -5.59 -12.13 -9.50
C SER C 140 -6.70 -13.18 -9.36
N PRO C 141 -7.41 -13.46 -10.46
CA PRO C 141 -8.40 -14.55 -10.52
C PRO C 141 -7.79 -15.85 -9.98
N ALA C 142 -6.55 -16.13 -10.38
CA ALA C 142 -5.83 -17.32 -9.93
C ALA C 142 -5.77 -17.43 -8.43
N ALA C 143 -5.43 -16.32 -7.79
CA ALA C 143 -5.18 -16.30 -6.36
C ALA C 143 -6.47 -16.48 -5.60
N ILE C 144 -7.57 -15.94 -6.12
CA ILE C 144 -8.85 -16.13 -5.47
C ILE C 144 -9.28 -17.60 -5.48
N GLU C 145 -9.09 -18.26 -6.62
CA GLU C 145 -9.43 -19.68 -6.78
C GLU C 145 -8.61 -20.55 -5.81
N ALA C 146 -7.31 -20.26 -5.70
CA ALA C 146 -6.45 -20.98 -4.77
C ALA C 146 -6.97 -20.85 -3.36
N GLN C 147 -7.27 -19.61 -2.95
CA GLN C 147 -7.75 -19.30 -1.60
C GLN C 147 -9.07 -20.03 -1.28
N ILE C 148 -10.07 -19.85 -2.14
CA ILE C 148 -11.37 -20.51 -1.94
C ILE C 148 -11.27 -22.05 -1.93
N ASN C 149 -10.20 -22.57 -2.53
CA ASN C 149 -10.03 -24.03 -2.57
C ASN C 149 -9.28 -24.61 -1.37
N SER C 150 -8.24 -23.92 -0.89
CA SER C 150 -7.51 -24.45 0.25
C SER C 150 -8.25 -24.25 1.57
N TYR C 151 -9.31 -23.46 1.52
CA TYR C 151 -10.14 -23.20 2.70
C TYR C 151 -11.60 -23.14 2.28
N PRO C 152 -12.24 -24.31 2.14
CA PRO C 152 -13.63 -24.22 1.66
C PRO C 152 -14.47 -23.30 2.54
N ILE C 153 -15.46 -22.68 1.92
CA ILE C 153 -16.31 -21.73 2.59
C ILE C 153 -17.69 -22.35 2.72
N PRO C 154 -18.10 -22.65 3.96
CA PRO C 154 -19.40 -23.30 4.14
C PRO C 154 -20.52 -22.51 3.45
N GLY C 155 -21.40 -23.23 2.76
CA GLY C 155 -22.58 -22.65 2.16
C GLY C 155 -22.39 -22.11 0.77
N LEU C 156 -21.12 -21.93 0.39
CA LEU C 156 -20.79 -21.24 -0.86
C LEU C 156 -21.18 -22.04 -2.09
N GLY C 157 -21.85 -21.38 -3.03
CA GLY C 157 -22.28 -22.01 -4.26
C GLY C 157 -21.29 -21.82 -5.41
N LYS C 158 -21.82 -21.54 -6.61
CA LYS C 158 -20.95 -21.33 -7.76
C LYS C 158 -20.38 -19.95 -7.67
N VAL C 159 -19.11 -19.82 -8.02
CA VAL C 159 -18.50 -18.51 -8.12
C VAL C 159 -18.04 -18.24 -9.54
N ILE C 160 -18.52 -17.15 -10.11
CA ILE C 160 -18.04 -16.68 -11.41
C ILE C 160 -17.10 -15.47 -11.28
N VAL C 161 -15.85 -15.64 -11.71
CA VAL C 161 -14.89 -14.53 -11.72
C VAL C 161 -14.88 -13.80 -13.07
N ILE C 162 -14.96 -12.48 -13.02
CA ILE C 162 -14.72 -11.65 -14.20
C ILE C 162 -13.46 -10.85 -13.93
N ASP C 163 -12.40 -11.07 -14.70
CA ASP C 163 -11.17 -10.33 -14.46
C ASP C 163 -11.19 -8.94 -15.15
N LYS C 164 -10.10 -8.19 -15.03
CA LYS C 164 -10.06 -6.83 -15.59
C LYS C 164 -10.30 -6.80 -17.11
N LEU C 165 -10.00 -7.91 -17.79
CA LEU C 165 -10.14 -7.95 -19.25
C LEU C 165 -11.48 -8.50 -19.73
N GLY C 166 -12.37 -8.81 -18.79
CA GLY C 166 -13.64 -9.43 -19.13
C GLY C 166 -13.58 -10.93 -19.38
N ASN C 167 -12.50 -11.57 -18.93
CA ASN C 167 -12.39 -13.03 -19.01
C ASN C 167 -13.09 -13.76 -17.89
N ILE C 168 -13.93 -14.73 -18.25
CA ILE C 168 -14.65 -15.51 -17.24
C ILE C 168 -13.92 -16.78 -16.83
N THR C 169 -13.67 -16.92 -15.54
CA THR C 169 -13.33 -18.22 -14.94
C THR C 169 -14.41 -18.67 -13.96
N ILE C 170 -14.54 -19.98 -13.79
CA ILE C 170 -15.52 -20.58 -12.90
C ILE C 170 -14.86 -21.30 -11.73
N ILE C 171 -15.41 -21.09 -10.54
CA ILE C 171 -15.03 -21.86 -9.36
C ILE C 171 -16.28 -22.54 -8.86
N LYS C 172 -16.32 -23.87 -9.01
CA LYS C 172 -17.52 -24.67 -8.76
C LYS C 172 -17.71 -25.13 -7.30
N PRO C 173 -18.97 -25.23 -6.92
CA PRO C 173 -19.37 -25.65 -5.58
C PRO C 173 -18.91 -27.07 -5.28
N ALA D 2 -24.78 -6.71 -4.78
CA ALA D 2 -25.29 -6.72 -3.41
C ALA D 2 -24.42 -5.86 -2.50
N ILE D 3 -25.05 -4.95 -1.77
CA ILE D 3 -24.28 -4.09 -0.87
C ILE D 3 -24.50 -4.41 0.60
N ASP D 4 -23.40 -4.65 1.30
CA ASP D 4 -23.47 -5.09 2.69
C ASP D 4 -22.59 -4.23 3.61
N LEU D 5 -23.18 -3.73 4.68
CA LEU D 5 -22.42 -3.07 5.72
C LEU D 5 -21.92 -4.11 6.71
N PHE D 6 -20.60 -4.23 6.81
CA PHE D 6 -19.96 -5.10 7.79
C PHE D 6 -19.80 -4.30 9.07
N CYS D 7 -20.42 -4.76 10.14
CA CYS D 7 -20.47 -3.99 11.37
C CYS D 7 -19.80 -4.76 12.45
N TYR D 8 -18.70 -4.23 12.94
CA TYR D 8 -18.01 -4.81 14.09
C TYR D 8 -18.30 -4.04 15.37
N LEU D 9 -18.51 -4.79 16.46
CA LEU D 9 -18.82 -4.20 17.77
C LEU D 9 -17.83 -4.64 18.84
N SER D 10 -17.57 -3.73 19.77
CA SER D 10 -16.69 -4.02 20.88
C SER D 10 -17.46 -4.80 21.94
N ILE D 11 -18.79 -4.63 21.99
CA ILE D 11 -19.63 -5.33 22.96
C ILE D 11 -19.92 -6.80 22.58
N ASP D 12 -20.43 -7.58 23.55
CA ASP D 12 -20.69 -9.01 23.28
C ASP D 12 -21.99 -9.22 22.52
N ARG D 13 -22.17 -10.45 22.05
CA ARG D 13 -23.24 -10.76 21.11
C ARG D 13 -24.64 -10.47 21.68
N GLY D 14 -24.93 -11.03 22.86
CA GLY D 14 -26.21 -10.79 23.52
C GLY D 14 -26.59 -9.33 23.70
N ALA D 15 -25.67 -8.53 24.26
CA ALA D 15 -25.92 -7.10 24.43
C ALA D 15 -26.16 -6.41 23.08
N ALA D 16 -25.29 -6.74 22.12
CA ALA D 16 -25.38 -6.19 20.77
C ALA D 16 -26.80 -6.39 20.24
N GLU D 17 -27.31 -7.58 20.42
CA GLU D 17 -28.64 -7.94 19.93
C GLU D 17 -29.73 -7.15 20.65
N SER D 18 -29.70 -7.19 21.97
CA SER D 18 -30.58 -6.32 22.74
C SER D 18 -30.61 -4.88 22.15
N ASP D 19 -29.44 -4.29 21.94
CA ASP D 19 -29.36 -2.97 21.31
C ASP D 19 -30.00 -2.89 19.89
N LEU D 20 -29.74 -3.90 19.04
CA LEU D 20 -30.39 -3.97 17.74
C LEU D 20 -31.91 -4.07 17.77
N ASN D 21 -32.48 -4.61 18.84
CA ASN D 21 -33.92 -4.67 18.93
C ASN D 21 -34.49 -3.27 19.02
N LYS D 22 -33.86 -2.44 19.81
CA LYS D 22 -34.32 -1.07 19.95
C LYS D 22 -34.20 -0.32 18.64
N ILE D 23 -33.09 -0.51 17.94
CA ILE D 23 -32.92 0.08 16.62
C ILE D 23 -34.04 -0.32 15.68
N ARG D 24 -34.26 -1.63 15.50
CA ARG D 24 -35.37 -2.13 14.69
C ARG D 24 -36.71 -1.51 15.06
N SER D 25 -36.88 -1.15 16.32
CA SER D 25 -38.15 -0.67 16.83
C SER D 25 -38.23 0.84 16.65
N ASN D 26 -37.07 1.47 16.51
CA ASN D 26 -36.94 2.91 16.45
C ASN D 26 -36.86 3.38 14.99
N HIS D 27 -36.58 2.43 14.10
CA HIS D 27 -36.47 2.73 12.68
C HIS D 27 -37.03 1.59 11.84
N SER D 28 -38.32 1.35 12.05
CA SER D 28 -39.07 0.36 11.29
C SER D 28 -39.06 0.65 9.79
N GLU D 29 -38.96 1.93 9.44
CA GLU D 29 -38.99 2.30 8.02
C GLU D 29 -37.84 1.63 7.27
N LEU D 30 -36.62 1.90 7.73
CA LEU D 30 -35.43 1.36 7.10
C LEU D 30 -35.31 -0.15 7.28
N PHE D 31 -35.60 -0.62 8.48
CA PHE D 31 -35.17 -1.96 8.85
C PHE D 31 -36.23 -3.06 8.68
N GLU D 32 -37.42 -2.69 8.20
CA GLU D 32 -38.37 -3.67 7.71
C GLU D 32 -38.41 -3.61 6.18
N GLY D 33 -37.49 -4.30 5.50
CA GLY D 33 -37.49 -4.35 4.04
C GLY D 33 -36.42 -3.61 3.25
N LYS D 34 -36.30 -2.29 3.47
CA LYS D 34 -35.27 -1.47 2.80
C LYS D 34 -33.83 -1.93 3.12
N PHE D 35 -33.57 -2.15 4.40
CA PHE D 35 -32.33 -2.77 4.85
C PHE D 35 -32.63 -4.01 5.69
N LEU D 36 -31.87 -5.08 5.52
CA LEU D 36 -32.06 -6.23 6.37
C LEU D 36 -30.88 -6.39 7.31
N ILE D 37 -31.17 -6.49 8.61
CA ILE D 37 -30.13 -6.68 9.62
C ILE D 37 -30.01 -8.16 10.00
N SER D 38 -28.86 -8.75 9.69
CA SER D 38 -28.57 -10.12 10.08
C SER D 38 -28.59 -10.30 11.61
N PRO D 39 -28.72 -11.54 12.07
CA PRO D 39 -28.43 -11.85 13.47
C PRO D 39 -27.00 -11.47 13.80
N VAL D 40 -26.73 -11.16 15.06
CA VAL D 40 -25.38 -10.87 15.49
C VAL D 40 -24.67 -12.18 15.80
N ARG D 41 -23.40 -12.26 15.45
CA ARG D 41 -22.57 -13.39 15.86
C ARG D 41 -21.34 -12.96 16.64
N ASP D 42 -20.70 -13.91 17.29
CA ASP D 42 -19.43 -13.67 17.94
C ASP D 42 -18.44 -13.56 16.81
N ALA D 43 -17.56 -12.58 16.90
CA ALA D 43 -16.49 -12.40 15.92
C ALA D 43 -15.48 -13.53 16.05
N ASP D 44 -15.17 -14.19 14.95
CA ASP D 44 -14.06 -15.15 14.95
C ASP D 44 -12.73 -14.43 14.72
N PHE D 45 -11.66 -15.19 14.55
CA PHE D 45 -10.32 -14.61 14.47
C PHE D 45 -10.15 -13.69 13.26
N SER D 46 -10.77 -14.06 12.13
CA SER D 46 -10.64 -13.31 10.89
C SER D 46 -11.28 -11.95 10.99
N LEU D 47 -12.52 -11.90 11.50
CA LEU D 47 -13.19 -10.62 11.67
C LEU D 47 -12.46 -9.73 12.69
N LYS D 48 -11.94 -10.33 13.77
CA LYS D 48 -11.18 -9.60 14.78
C LYS D 48 -9.92 -8.98 14.20
N GLU D 49 -9.31 -9.68 13.26
CA GLU D 49 -8.11 -9.20 12.60
C GLU D 49 -8.39 -7.94 11.79
N ILE D 50 -9.42 -8.00 10.95
CA ILE D 50 -9.85 -6.86 10.14
C ILE D 50 -10.29 -5.67 11.00
N ALA D 51 -11.10 -5.92 12.03
CA ALA D 51 -11.51 -4.84 12.94
C ALA D 51 -10.32 -4.13 13.61
N ALA D 52 -9.28 -4.89 13.94
CA ALA D 52 -8.13 -4.36 14.68
C ALA D 52 -7.20 -3.53 13.79
N GLU D 53 -7.24 -3.76 12.48
CA GLU D 53 -6.56 -2.90 11.51
C GLU D 53 -7.19 -1.51 11.44
N HIS D 54 -8.45 -1.42 11.82
CA HIS D 54 -9.18 -0.14 11.86
C HIS D 54 -9.41 0.41 13.27
N GLY D 55 -8.57 -0.01 14.23
CA GLY D 55 -8.60 0.54 15.56
C GLY D 55 -9.40 -0.20 16.62
N LEU D 56 -10.23 -1.15 16.21
CA LEU D 56 -11.25 -1.73 17.09
C LEU D 56 -11.02 -3.19 17.46
N VAL D 57 -11.17 -3.47 18.76
CA VAL D 57 -11.22 -4.83 19.31
C VAL D 57 -12.66 -5.37 19.25
N ALA D 58 -12.95 -6.22 18.26
CA ALA D 58 -14.32 -6.66 18.06
C ALA D 58 -14.62 -7.93 18.84
N GLU D 59 -15.81 -7.97 19.46
CA GLU D 59 -16.32 -9.18 20.12
C GLU D 59 -17.46 -9.79 19.33
N SER D 60 -18.30 -8.93 18.76
CA SER D 60 -19.41 -9.38 17.94
C SER D 60 -19.43 -8.71 16.56
N PHE D 61 -20.19 -9.30 15.65
CA PHE D 61 -20.25 -8.86 14.28
C PHE D 61 -21.66 -9.05 13.76
N PHE D 62 -22.14 -8.16 12.93
CA PHE D 62 -23.39 -8.43 12.23
C PHE D 62 -23.38 -7.72 10.90
N LEU D 63 -24.30 -8.11 10.03
CA LEU D 63 -24.34 -7.58 8.68
C LEU D 63 -25.63 -6.79 8.45
N VAL D 64 -25.52 -5.72 7.67
CA VAL D 64 -26.69 -4.97 7.19
C VAL D 64 -26.70 -4.96 5.66
N SER D 65 -27.70 -5.60 5.07
CA SER D 65 -27.81 -5.69 3.62
C SER D 65 -28.72 -4.62 3.06
N LEU D 66 -28.32 -4.08 1.92
CA LEU D 66 -29.15 -3.16 1.18
C LEU D 66 -30.15 -3.99 0.37
N ASN D 67 -31.39 -4.01 0.83
CA ASN D 67 -32.39 -4.86 0.21
C ASN D 67 -33.22 -4.15 -0.85
N ASP D 68 -33.38 -2.85 -0.70
CA ASP D 68 -34.03 -2.03 -1.70
C ASP D 68 -32.98 -1.14 -2.36
N LYS D 69 -32.65 -1.43 -3.62
CA LYS D 69 -31.64 -0.69 -4.34
C LYS D 69 -31.93 0.81 -4.41
N ASN D 70 -33.21 1.18 -4.51
CA ASN D 70 -33.64 2.58 -4.48
C ASN D 70 -33.31 3.35 -3.20
N SER D 71 -32.79 2.66 -2.19
CA SER D 71 -32.47 3.29 -0.92
C SER D 71 -30.96 3.31 -0.70
N ALA D 72 -30.22 3.10 -1.77
CA ALA D 72 -28.77 3.02 -1.73
C ALA D 72 -28.17 4.32 -1.22
N ASP D 73 -28.96 5.38 -1.29
CA ASP D 73 -28.48 6.67 -0.85
C ASP D 73 -28.69 6.91 0.65
N LEU D 74 -29.22 5.91 1.36
CA LEU D 74 -29.40 6.09 2.81
C LEU D 74 -28.30 5.40 3.61
N ILE D 75 -27.32 4.83 2.93
CA ILE D 75 -26.24 4.15 3.64
C ILE D 75 -25.59 5.02 4.74
N PRO D 76 -25.21 6.27 4.43
CA PRO D 76 -24.62 7.17 5.43
C PRO D 76 -25.55 7.53 6.59
N ILE D 77 -26.85 7.59 6.34
CA ILE D 77 -27.80 7.86 7.42
C ILE D 77 -28.03 6.59 8.25
N VAL D 78 -28.16 5.46 7.58
CA VAL D 78 -28.21 4.18 8.27
C VAL D 78 -26.97 3.98 9.14
N SER D 79 -25.79 4.29 8.61
CA SER D 79 -24.55 4.16 9.36
C SER D 79 -24.59 4.98 10.63
N LYS D 80 -25.07 6.22 10.51
CA LYS D 80 -25.14 7.10 11.66
C LYS D 80 -26.13 6.57 12.72
N ILE D 81 -27.30 6.13 12.27
CA ILE D 81 -28.31 5.55 13.15
C ILE D 81 -27.72 4.39 13.96
N LEU D 82 -26.82 3.64 13.33
CA LEU D 82 -26.16 2.52 13.97
C LEU D 82 -25.12 2.96 15.03
N VAL D 83 -24.24 3.89 14.68
CA VAL D 83 -23.29 4.47 15.63
C VAL D 83 -23.98 4.99 16.91
N ASP D 84 -25.19 5.54 16.73
CA ASP D 84 -25.92 6.17 17.81
C ASP D 84 -26.70 5.18 18.67
N GLY D 85 -27.09 4.04 18.10
CA GLY D 85 -27.86 3.06 18.84
C GLY D 85 -26.96 2.02 19.49
N PHE D 86 -25.66 2.28 19.45
CA PHE D 86 -24.68 1.49 20.17
C PHE D 86 -23.87 2.42 21.09
N ASN D 87 -24.59 3.29 21.78
CA ASN D 87 -23.99 4.31 22.62
C ASN D 87 -22.95 3.70 23.55
N GLY D 88 -23.35 2.64 24.25
CA GLY D 88 -22.50 1.99 25.24
C GLY D 88 -21.26 1.30 24.72
N GLY D 89 -20.89 1.56 23.46
CA GLY D 89 -19.72 0.92 22.88
C GLY D 89 -19.30 1.47 21.53
N ALA D 90 -18.19 0.92 21.03
CA ALA D 90 -17.62 1.32 19.76
C ALA D 90 -18.12 0.42 18.61
N ILE D 91 -18.33 1.02 17.45
CA ILE D 91 -18.72 0.26 16.26
C ILE D 91 -17.89 0.70 15.05
N LEU D 92 -17.38 -0.27 14.30
CA LEU D 92 -16.70 0.04 13.05
C LEU D 92 -17.64 -0.43 11.93
N ILE D 93 -17.87 0.41 10.93
CA ILE D 93 -18.72 0.00 9.80
C ILE D 93 -17.96 0.03 8.48
N LEU D 94 -17.75 -1.13 7.88
CA LEU D 94 -17.11 -1.19 6.57
C LEU D 94 -18.09 -1.60 5.48
N GLN D 95 -18.39 -0.70 4.56
CA GLN D 95 -19.23 -1.07 3.44
C GLN D 95 -18.46 -2.12 2.64
N ASP D 96 -19.14 -3.25 2.41
CA ASP D 96 -18.57 -4.41 1.73
C ASP D 96 -17.20 -4.80 2.25
N ASN D 97 -17.03 -4.53 3.55
CA ASN D 97 -15.85 -4.94 4.29
C ASN D 97 -14.59 -4.28 3.72
N GLU D 98 -14.79 -3.12 3.09
CA GLU D 98 -13.69 -2.38 2.46
C GLU D 98 -13.61 -0.92 2.86
N TYR D 99 -14.74 -0.23 2.76
CA TYR D 99 -14.78 1.22 2.90
C TYR D 99 -15.34 1.68 4.25
N ARG D 100 -14.50 2.33 5.06
CA ARG D 100 -14.91 2.75 6.40
C ARG D 100 -15.95 3.87 6.34
N ARG D 101 -17.12 3.61 6.92
CA ARG D 101 -18.18 4.62 6.96
C ARG D 101 -18.22 5.32 8.30
N THR D 102 -17.38 4.88 9.21
CA THR D 102 -17.38 5.45 10.56
C THR D 102 -16.09 6.20 10.85
N SER D 103 -16.14 7.03 11.87
CA SER D 103 -14.99 7.84 12.23
C SER D 103 -13.85 7.07 12.87
N LEU D 104 -12.64 7.30 12.35
CA LEU D 104 -11.36 6.86 12.93
C LEU D 104 -10.95 5.41 12.63
N GLY E 42 -30.86 33.91 29.79
CA GLY E 42 -29.62 33.37 29.25
C GLY E 42 -28.61 33.02 30.32
N SER E 43 -27.85 31.96 30.11
CA SER E 43 -26.92 31.44 31.10
C SER E 43 -25.82 30.67 30.43
N LEU E 44 -24.77 30.36 31.18
CA LEU E 44 -23.63 29.66 30.64
C LEU E 44 -23.17 28.66 31.65
N SER E 45 -23.07 27.39 31.24
CA SER E 45 -22.63 26.32 32.15
C SER E 45 -21.56 25.44 31.55
N GLY E 46 -21.29 24.31 32.21
CA GLY E 46 -20.31 23.37 31.69
C GLY E 46 -18.94 23.96 31.87
N LYS E 47 -17.91 23.13 31.78
CA LYS E 47 -16.54 23.60 31.98
C LYS E 47 -15.97 24.35 30.75
N PRO E 48 -15.66 25.66 30.90
CA PRO E 48 -15.07 26.41 29.78
C PRO E 48 -13.73 25.85 29.34
N THR E 49 -13.42 25.97 28.07
CA THR E 49 -12.24 25.29 27.56
C THR E 49 -10.98 25.77 28.26
N GLN E 50 -10.12 24.84 28.63
CA GLN E 50 -8.82 25.17 29.20
C GLN E 50 -7.77 24.99 28.15
N ILE E 51 -7.11 26.08 27.79
CA ILE E 51 -6.17 26.04 26.70
C ILE E 51 -4.84 25.47 27.13
N PRO E 52 -4.46 24.33 26.55
CA PRO E 52 -3.12 23.80 26.78
C PRO E 52 -2.10 24.90 26.53
N PRO E 53 -1.17 25.07 27.47
CA PRO E 53 -0.21 26.18 27.44
C PRO E 53 0.66 26.12 26.20
N LEU E 54 0.95 24.91 25.71
CA LEU E 54 1.86 24.80 24.57
C LEU E 54 1.18 24.98 23.21
N SER E 55 -0.14 25.15 23.21
CA SER E 55 -0.88 25.46 21.99
C SER E 55 -0.26 26.64 21.25
N ASP E 56 -0.14 26.57 19.92
CA ASP E 56 0.43 27.69 19.18
C ASP E 56 -0.57 28.82 19.01
N GLU E 57 -0.17 29.86 18.31
CA GLU E 57 -1.02 31.05 18.28
C GLU E 57 -2.34 30.80 17.56
N VAL E 58 -2.29 29.99 16.51
CA VAL E 58 -3.50 29.73 15.73
C VAL E 58 -4.49 28.91 16.53
N THR E 59 -4.01 27.84 17.14
CA THR E 59 -4.86 26.95 17.91
C THR E 59 -5.45 27.73 19.06
N THR E 60 -4.56 28.47 19.71
CA THR E 60 -4.96 29.25 20.85
C THR E 60 -6.12 30.16 20.48
N ARG E 61 -5.95 30.88 19.37
CA ARG E 61 -6.98 31.79 18.89
C ARG E 61 -8.31 31.06 18.73
N SER E 62 -8.28 29.93 18.04
CA SER E 62 -9.50 29.14 17.84
C SER E 62 -10.20 28.89 19.17
N LEU E 63 -9.47 28.33 20.12
CA LEU E 63 -10.06 27.97 21.42
C LEU E 63 -10.67 29.17 22.16
N ILE E 64 -9.95 30.29 22.17
CA ILE E 64 -10.45 31.46 22.86
C ILE E 64 -11.74 32.01 22.23
N ARG E 65 -11.79 32.03 20.90
CA ARG E 65 -13.01 32.42 20.20
C ARG E 65 -14.16 31.52 20.60
N GLU E 66 -13.85 30.22 20.72
CA GLU E 66 -14.79 29.25 21.21
C GLU E 66 -15.36 29.68 22.58
N ASN E 67 -14.48 29.88 23.57
CA ASN E 67 -14.92 30.39 24.87
C ASN E 67 -15.74 31.68 24.78
N GLN E 68 -15.28 32.61 23.94
CA GLN E 68 -15.95 33.90 23.76
C GLN E 68 -17.37 33.82 23.16
N SER E 69 -17.58 32.97 22.17
CA SER E 69 -18.91 32.89 21.61
C SER E 69 -19.85 32.34 22.66
N ALA E 70 -19.32 31.43 23.47
CA ALA E 70 -20.06 30.94 24.63
C ALA E 70 -20.60 32.11 25.45
N VAL E 71 -19.67 32.92 25.98
CA VAL E 71 -20.00 34.11 26.78
C VAL E 71 -20.97 35.05 26.07
N THR E 72 -20.71 35.29 24.79
CA THR E 72 -21.47 36.23 24.00
C THR E 72 -22.92 35.80 23.92
N LEU E 73 -23.12 34.50 23.68
CA LEU E 73 -24.45 33.94 23.46
C LEU E 73 -25.23 33.86 24.77
N ALA E 74 -24.55 33.39 25.80
CA ALA E 74 -25.11 33.39 27.16
C ALA E 74 -25.72 34.74 27.46
N ASN E 75 -24.92 35.79 27.28
CA ASN E 75 -25.40 37.14 27.53
C ASN E 75 -26.55 37.57 26.60
N LYS E 76 -26.72 36.86 25.50
CA LYS E 76 -27.79 37.21 24.56
C LYS E 76 -29.09 36.48 24.87
N GLY E 77 -29.10 35.72 25.96
CA GLY E 77 -30.30 35.02 26.39
C GLY E 77 -30.37 33.55 26.02
N TYR E 78 -29.27 33.00 25.52
CA TYR E 78 -29.22 31.57 25.21
C TYR E 78 -28.69 30.84 26.41
N ASP E 79 -29.12 29.59 26.57
CA ASP E 79 -28.57 28.74 27.61
C ASP E 79 -27.52 27.87 26.98
N VAL E 80 -26.28 28.05 27.40
CA VAL E 80 -25.15 27.48 26.69
C VAL E 80 -24.39 26.54 27.60
N VAL E 81 -24.20 25.29 27.18
CA VAL E 81 -23.36 24.39 27.96
C VAL E 81 -22.07 24.09 27.22
N GLN E 82 -20.94 24.40 27.83
CA GLN E 82 -19.67 24.16 27.17
C GLN E 82 -19.11 22.78 27.43
N ASN E 83 -18.58 22.18 26.38
CA ASN E 83 -18.05 20.83 26.48
C ASN E 83 -18.98 19.82 27.15
N PRO E 84 -20.24 19.76 26.70
CA PRO E 84 -21.19 18.91 27.42
C PRO E 84 -20.88 17.41 27.22
N GLU E 85 -21.29 16.56 28.16
CA GLU E 85 -21.27 15.11 27.97
C GLU E 85 -22.43 14.71 27.06
N VAL E 86 -22.11 14.05 25.95
CA VAL E 86 -23.12 13.62 24.99
C VAL E 86 -22.78 12.26 24.41
N LEU E 87 -23.83 11.49 24.12
CA LEU E 87 -23.73 10.06 23.83
C LEU E 87 -22.71 9.67 22.75
N GLY E 88 -22.82 10.28 21.57
CA GLY E 88 -21.91 9.96 20.47
C GLY E 88 -20.43 10.21 20.75
N PRO E 89 -19.56 9.34 20.22
CA PRO E 89 -18.12 9.41 20.47
C PRO E 89 -17.56 10.82 20.23
N LYS E 90 -18.27 11.68 19.49
CA LYS E 90 -17.82 13.06 19.25
C LYS E 90 -18.15 14.01 20.40
N ASN E 91 -17.23 14.94 20.69
CA ASN E 91 -17.40 15.91 21.77
C ASN E 91 -17.59 17.34 21.35
N PRO E 92 -18.86 17.77 21.21
CA PRO E 92 -19.24 19.06 20.66
C PRO E 92 -18.87 20.25 21.58
N ASP E 93 -18.59 21.39 20.99
CA ASP E 93 -18.25 22.57 21.75
C ASP E 93 -19.37 22.93 22.72
N TYR E 94 -20.62 22.74 22.31
CA TYR E 94 -21.73 23.24 23.10
C TYR E 94 -22.99 22.46 22.98
N THR E 95 -23.98 22.99 23.70
CA THR E 95 -25.41 22.71 23.56
C THR E 95 -26.13 24.07 23.78
N ILE E 96 -26.82 24.60 22.77
CA ILE E 96 -27.38 25.92 22.87
C ILE E 96 -28.90 25.73 22.87
N ASN E 97 -29.48 25.89 24.06
CA ASN E 97 -30.89 25.55 24.27
C ASN E 97 -31.08 24.10 23.91
N GLY E 98 -30.12 23.28 24.34
CA GLY E 98 -30.23 21.84 24.22
C GLY E 98 -29.77 21.22 22.90
N GLN E 99 -29.33 22.05 21.95
CA GLN E 99 -28.82 21.53 20.67
C GLN E 99 -27.33 21.64 20.56
N VAL E 100 -26.68 20.58 20.09
CA VAL E 100 -25.24 20.60 19.87
C VAL E 100 -24.88 21.61 18.78
N PHE E 101 -23.90 22.47 19.06
CA PHE E 101 -23.27 23.33 18.06
C PHE E 101 -21.77 23.24 18.17
N ASP E 102 -21.11 23.58 17.08
CA ASP E 102 -19.69 23.77 17.12
C ASP E 102 -19.36 25.20 16.74
N ASN E 103 -18.27 25.73 17.30
CA ASN E 103 -17.86 27.08 16.96
C ASN E 103 -16.91 27.04 15.78
N TYR E 104 -17.13 27.97 14.86
CA TYR E 104 -16.25 28.22 13.72
C TYR E 104 -15.95 29.71 13.67
N ALA E 105 -14.67 30.03 13.74
CA ALA E 105 -14.24 31.43 13.71
C ALA E 105 -13.21 31.62 12.59
N PRO E 106 -13.69 31.91 11.38
CA PRO E 106 -12.82 32.09 10.22
C PRO E 106 -11.93 33.34 10.29
N ALA E 107 -10.68 33.20 9.85
CA ALA E 107 -9.81 34.34 9.60
C ALA E 107 -10.13 34.96 8.23
N THR E 108 -10.30 34.09 7.23
CA THR E 108 -10.58 34.53 5.87
C THR E 108 -11.91 35.27 5.85
N GLY E 109 -12.07 36.13 4.86
CA GLY E 109 -13.31 36.84 4.65
C GLY E 109 -13.95 36.38 3.34
N ASN E 110 -13.37 35.35 2.72
CA ASN E 110 -13.91 34.83 1.46
C ASN E 110 -15.15 33.96 1.71
N VAL E 111 -16.32 34.52 1.45
CA VAL E 111 -17.59 33.90 1.84
C VAL E 111 -17.77 32.51 1.21
N ARG E 112 -17.28 32.36 -0.01
CA ARG E 112 -17.40 31.07 -0.70
C ARG E 112 -16.56 30.00 0.02
N ASN E 113 -15.33 30.33 0.42
CA ASN E 113 -14.50 29.37 1.17
C ASN E 113 -15.05 29.05 2.55
N ILE E 114 -15.81 29.97 3.12
CA ILE E 114 -16.40 29.74 4.44
C ILE E 114 -17.53 28.72 4.31
N ALA E 115 -18.41 28.93 3.35
CA ALA E 115 -19.45 27.92 3.07
C ALA E 115 -18.85 26.55 2.73
N THR E 116 -17.78 26.54 1.93
CA THR E 116 -17.11 25.30 1.57
C THR E 116 -16.54 24.61 2.82
N THR E 117 -15.81 25.37 3.62
CA THR E 117 -15.29 24.85 4.88
C THR E 117 -16.40 24.33 5.81
N ILE E 118 -17.54 25.03 5.84
CA ILE E 118 -18.61 24.65 6.74
C ILE E 118 -19.27 23.37 6.24
N SER E 119 -19.50 23.33 4.94
CA SER E 119 -20.11 22.18 4.29
C SER E 119 -19.34 20.89 4.60
N ASN E 120 -18.04 20.89 4.32
CA ASN E 120 -17.20 19.75 4.69
C ASN E 120 -17.12 19.42 6.17
N LYS E 121 -17.21 20.41 7.05
CA LYS E 121 -17.30 20.12 8.48
C LYS E 121 -18.58 19.32 8.74
N VAL E 122 -19.65 19.68 8.04
CA VAL E 122 -20.91 18.97 8.15
C VAL E 122 -20.73 17.58 7.54
N SER E 123 -20.37 17.52 6.26
CA SER E 123 -20.31 16.27 5.53
C SER E 123 -19.30 15.26 6.12
N SER E 124 -18.08 15.71 6.39
CA SER E 124 -17.05 14.79 6.88
C SER E 124 -16.96 14.83 8.40
N GLY E 125 -17.20 15.99 8.98
CA GLY E 125 -17.02 16.17 10.41
C GLY E 125 -18.19 15.76 11.30
N GLN E 126 -19.39 15.75 10.74
CA GLN E 126 -20.59 15.44 11.52
C GLN E 126 -21.10 16.61 12.34
N ALA E 127 -20.74 17.81 11.94
CA ALA E 127 -21.29 19.00 12.57
C ALA E 127 -22.65 19.25 11.95
N SER E 128 -23.65 19.50 12.76
CA SER E 128 -24.93 19.94 12.22
C SER E 128 -25.12 21.44 12.45
N ASN E 129 -25.28 21.86 13.71
CA ASN E 129 -25.50 23.26 13.99
C ASN E 129 -24.17 23.97 14.23
N ILE E 130 -24.03 25.16 13.66
CA ILE E 130 -22.75 25.87 13.71
C ILE E 130 -22.93 27.31 14.13
N VAL E 131 -22.10 27.74 15.08
CA VAL E 131 -21.95 29.15 15.42
C VAL E 131 -20.79 29.70 14.59
N VAL E 132 -21.07 30.70 13.77
CA VAL E 132 -20.00 31.35 13.05
C VAL E 132 -19.65 32.68 13.68
N ASN E 133 -18.40 32.80 14.09
CA ASN E 133 -17.98 33.96 14.86
C ASN E 133 -17.00 34.81 14.04
N LEU E 134 -17.38 36.04 13.71
CA LEU E 134 -16.65 36.80 12.71
C LEU E 134 -15.54 37.66 13.27
N ALA E 135 -15.16 37.40 14.52
CA ALA E 135 -14.12 38.16 15.17
C ALA E 135 -12.96 38.50 14.25
N ASP E 136 -12.42 37.51 13.55
CA ASP E 136 -11.20 37.74 12.78
C ASP E 136 -11.40 37.79 11.28
N SER E 137 -12.66 37.90 10.86
CA SER E 137 -13.06 37.77 9.46
C SER E 137 -13.72 39.04 8.90
N SER E 138 -13.38 39.40 7.67
CA SER E 138 -14.02 40.54 7.02
C SER E 138 -15.29 40.14 6.23
N ALA E 139 -15.71 38.88 6.30
CA ALA E 139 -17.00 38.52 5.69
C ALA E 139 -18.22 39.15 6.40
N SER E 140 -19.27 39.48 5.66
CA SER E 140 -20.44 40.09 6.29
C SER E 140 -21.48 39.03 6.60
N PRO E 141 -22.28 39.25 7.66
CA PRO E 141 -23.34 38.30 7.98
C PRO E 141 -24.38 38.18 6.87
N ALA E 142 -24.76 39.30 6.26
CA ALA E 142 -25.67 39.26 5.12
C ALA E 142 -25.14 38.37 3.99
N ALA E 143 -23.84 38.50 3.68
CA ALA E 143 -23.28 37.73 2.56
C ALA E 143 -23.24 36.26 2.92
N ILE E 144 -22.88 35.95 4.15
CA ILE E 144 -22.84 34.56 4.58
C ILE E 144 -24.23 33.94 4.53
N GLU E 145 -25.24 34.69 4.95
CA GLU E 145 -26.63 34.25 4.85
C GLU E 145 -27.10 34.04 3.39
N ALA E 146 -26.70 34.93 2.50
CA ALA E 146 -27.13 34.85 1.11
C ALA E 146 -26.47 33.69 0.41
N GLN E 147 -25.17 33.55 0.64
CA GLN E 147 -24.38 32.40 0.20
C GLN E 147 -25.03 31.07 0.56
N ILE E 148 -25.38 30.92 1.83
CA ILE E 148 -25.98 29.68 2.30
C ILE E 148 -27.40 29.43 1.78
N ASN E 149 -28.16 30.49 1.51
CA ASN E 149 -29.50 30.29 0.95
C ASN E 149 -29.43 29.87 -0.51
N SER E 150 -28.54 30.52 -1.26
CA SER E 150 -28.44 30.32 -2.68
C SER E 150 -27.79 29.00 -3.02
N TYR E 151 -26.90 28.56 -2.14
CA TYR E 151 -26.15 27.33 -2.33
C TYR E 151 -26.27 26.43 -1.12
N PRO E 152 -27.44 25.79 -0.98
CA PRO E 152 -27.78 25.01 0.23
C PRO E 152 -26.70 24.00 0.58
N ILE E 153 -26.37 23.90 1.86
CA ILE E 153 -25.45 22.88 2.36
C ILE E 153 -26.24 21.71 2.94
N PRO E 154 -26.08 20.52 2.35
CA PRO E 154 -26.76 19.29 2.82
C PRO E 154 -26.25 18.89 4.19
N GLY E 155 -27.18 18.65 5.11
CA GLY E 155 -26.86 18.21 6.46
C GLY E 155 -26.83 19.33 7.49
N LEU E 156 -26.62 20.56 7.02
CA LEU E 156 -26.51 21.75 7.88
C LEU E 156 -27.78 22.05 8.67
N GLY E 157 -27.61 22.24 9.98
CA GLY E 157 -28.70 22.66 10.84
C GLY E 157 -28.83 24.16 10.99
N LYS E 158 -28.92 24.64 12.24
CA LYS E 158 -28.98 26.08 12.54
C LYS E 158 -27.60 26.74 12.52
N VAL E 159 -27.49 27.85 11.80
CA VAL E 159 -26.29 28.68 11.85
C VAL E 159 -26.51 30.02 12.61
N ILE E 160 -25.84 30.18 13.74
CA ILE E 160 -25.84 31.45 14.44
C ILE E 160 -24.58 32.23 14.10
N VAL E 161 -24.76 33.45 13.61
CA VAL E 161 -23.65 34.33 13.33
C VAL E 161 -23.46 35.42 14.37
N ILE E 162 -22.23 35.55 14.85
CA ILE E 162 -21.86 36.61 15.76
C ILE E 162 -20.98 37.59 14.99
N ASP E 163 -21.43 38.82 14.81
CA ASP E 163 -20.61 39.77 14.04
C ASP E 163 -19.52 40.38 14.90
N LYS E 164 -18.67 41.17 14.26
CA LYS E 164 -17.59 41.84 14.97
C LYS E 164 -18.04 42.72 16.15
N LEU E 165 -19.31 43.14 16.18
CA LEU E 165 -19.87 43.90 17.30
C LEU E 165 -20.70 43.00 18.24
N GLY E 166 -20.59 41.69 18.03
CA GLY E 166 -21.28 40.74 18.87
C GLY E 166 -22.79 40.70 18.73
N ASN E 167 -23.31 41.19 17.60
CA ASN E 167 -24.73 41.05 17.33
C ASN E 167 -25.02 39.77 16.56
N ILE E 168 -26.23 39.26 16.78
CA ILE E 168 -26.60 37.92 16.37
C ILE E 168 -27.62 37.89 15.24
N THR E 169 -27.30 37.10 14.22
CA THR E 169 -28.28 36.77 13.20
C THR E 169 -28.35 35.27 13.09
N ILE E 170 -29.52 34.74 12.75
CA ILE E 170 -29.75 33.30 12.72
C ILE E 170 -30.11 32.86 11.32
N ILE E 171 -29.51 31.75 10.89
CA ILE E 171 -29.85 31.18 9.59
C ILE E 171 -30.48 29.80 9.80
N LYS E 172 -31.80 29.75 9.67
CA LYS E 172 -32.57 28.54 9.96
C LYS E 172 -32.39 27.48 8.88
N PRO E 173 -32.56 26.21 9.25
CA PRO E 173 -32.40 25.09 8.33
C PRO E 173 -33.69 24.83 7.53
N ALA F 2 -14.76 24.42 17.10
CA ALA F 2 -14.13 23.12 16.91
C ALA F 2 -12.91 23.26 16.00
N ILE F 3 -12.02 22.28 16.05
CA ILE F 3 -10.78 22.34 15.26
C ILE F 3 -10.63 21.12 14.37
N ASP F 4 -10.45 21.35 13.08
CA ASP F 4 -10.41 20.27 12.12
C ASP F 4 -9.23 20.46 11.22
N LEU F 5 -8.44 19.42 10.97
CA LEU F 5 -7.44 19.51 9.92
C LEU F 5 -8.02 19.04 8.60
N PHE F 6 -8.09 19.92 7.61
CA PHE F 6 -8.48 19.50 6.28
C PHE F 6 -7.26 18.91 5.58
N CYS F 7 -7.38 17.64 5.19
CA CYS F 7 -6.28 16.91 4.59
C CYS F 7 -6.56 16.54 3.12
N TYR F 8 -5.69 17.01 2.25
CA TYR F 8 -5.82 16.76 0.83
C TYR F 8 -4.68 15.84 0.48
N LEU F 9 -4.97 14.90 -0.42
CA LEU F 9 -4.00 13.96 -0.92
C LEU F 9 -3.96 13.92 -2.47
N SER F 10 -2.77 13.75 -3.01
CA SER F 10 -2.62 13.55 -4.45
C SER F 10 -2.85 12.09 -4.83
N ILE F 11 -3.19 11.26 -3.85
CA ILE F 11 -3.34 9.82 -4.04
C ILE F 11 -4.80 9.40 -3.95
N ASP F 12 -5.12 8.28 -4.59
CA ASP F 12 -6.50 7.83 -4.70
C ASP F 12 -7.12 7.51 -3.36
N ARG F 13 -8.41 7.81 -3.24
CA ARG F 13 -9.22 7.47 -2.07
C ARG F 13 -8.88 6.12 -1.40
N GLY F 14 -8.88 5.03 -2.19
CA GLY F 14 -8.60 3.71 -1.66
C GLY F 14 -7.20 3.52 -1.07
N ALA F 15 -6.19 3.99 -1.78
CA ALA F 15 -4.83 3.92 -1.26
C ALA F 15 -4.66 4.86 -0.06
N ALA F 16 -5.30 6.01 -0.11
CA ALA F 16 -5.32 6.94 1.00
C ALA F 16 -5.85 6.28 2.27
N GLU F 17 -7.09 5.79 2.23
CA GLU F 17 -7.66 5.07 3.38
C GLU F 17 -6.73 3.98 3.90
N SER F 18 -6.22 3.16 2.99
CA SER F 18 -5.28 2.10 3.35
C SER F 18 -4.03 2.63 4.06
N ASP F 19 -3.38 3.64 3.48
CA ASP F 19 -2.16 4.20 4.05
C ASP F 19 -2.44 4.85 5.40
N LEU F 20 -3.66 5.35 5.53
CA LEU F 20 -4.09 6.10 6.69
C LEU F 20 -4.47 5.16 7.86
N ASN F 21 -5.05 4.01 7.53
CA ASN F 21 -5.27 2.96 8.53
C ASN F 21 -3.98 2.57 9.23
N LYS F 22 -2.90 2.37 8.48
CA LYS F 22 -1.61 1.98 9.08
C LYS F 22 -1.05 3.07 10.00
N ILE F 23 -0.96 4.28 9.48
CA ILE F 23 -0.50 5.43 10.24
C ILE F 23 -1.21 5.53 11.61
N ARG F 24 -2.53 5.44 11.60
CA ARG F 24 -3.26 5.59 12.85
C ARG F 24 -2.88 4.55 13.89
N SER F 25 -2.62 3.31 13.45
CA SER F 25 -2.32 2.21 14.38
C SER F 25 -0.84 2.14 14.79
N ASN F 26 -0.01 2.99 14.17
CA ASN F 26 1.36 3.17 14.64
C ASN F 26 1.40 4.20 15.77
N HIS F 27 0.35 5.00 15.86
CA HIS F 27 0.24 6.03 16.87
C HIS F 27 -1.17 6.07 17.43
N SER F 28 -1.71 4.89 17.75
CA SER F 28 -3.09 4.81 18.20
C SER F 28 -3.21 5.55 19.51
N GLU F 29 -2.16 5.40 20.32
CA GLU F 29 -2.07 5.99 21.65
C GLU F 29 -2.42 7.47 21.54
N LEU F 30 -1.74 8.12 20.59
CA LEU F 30 -1.94 9.51 20.22
C LEU F 30 -3.35 9.85 19.72
N PHE F 31 -3.87 9.02 18.82
CA PHE F 31 -5.17 9.31 18.21
C PHE F 31 -6.36 8.91 19.04
N GLU F 32 -6.33 7.70 19.61
CA GLU F 32 -7.51 7.14 20.29
C GLU F 32 -8.11 8.10 21.32
N GLY F 33 -9.36 8.47 21.08
CA GLY F 33 -10.11 9.36 21.96
C GLY F 33 -9.71 10.83 21.92
N LYS F 34 -8.57 11.13 21.30
CA LYS F 34 -8.10 12.50 21.21
C LYS F 34 -8.49 13.16 19.88
N PHE F 35 -8.44 12.37 18.82
CA PHE F 35 -8.83 12.82 17.49
C PHE F 35 -9.75 11.83 16.78
N LEU F 36 -10.68 12.36 15.99
CA LEU F 36 -11.50 11.56 15.07
C LEU F 36 -11.03 11.74 13.63
N ILE F 37 -10.80 10.62 12.94
CA ILE F 37 -10.47 10.66 11.52
C ILE F 37 -11.70 10.30 10.70
N SER F 38 -12.15 11.22 9.86
CA SER F 38 -13.32 10.98 9.02
C SER F 38 -13.05 9.88 7.98
N PRO F 39 -14.12 9.30 7.42
CA PRO F 39 -14.00 8.48 6.21
C PRO F 39 -13.27 9.27 5.13
N VAL F 40 -12.44 8.59 4.32
CA VAL F 40 -11.76 9.25 3.21
C VAL F 40 -12.74 9.33 2.05
N ARG F 41 -12.71 10.43 1.30
CA ARG F 41 -13.59 10.58 0.15
C ARG F 41 -12.90 11.29 -1.00
N ASP F 42 -13.48 11.13 -2.18
CA ASP F 42 -13.01 11.88 -3.34
C ASP F 42 -13.07 13.37 -3.06
N ALA F 43 -12.00 14.05 -3.44
CA ALA F 43 -11.98 15.51 -3.49
C ALA F 43 -12.94 15.96 -4.59
N ASP F 44 -13.96 16.71 -4.24
CA ASP F 44 -14.77 17.23 -5.33
C ASP F 44 -14.16 18.53 -5.88
N PHE F 45 -14.88 19.17 -6.80
CA PHE F 45 -14.35 20.36 -7.47
C PHE F 45 -13.88 21.45 -6.49
N SER F 46 -14.76 21.86 -5.57
CA SER F 46 -14.37 22.93 -4.63
C SER F 46 -13.06 22.62 -3.95
N LEU F 47 -12.94 21.44 -3.35
CA LEU F 47 -11.70 21.02 -2.70
C LEU F 47 -10.52 21.02 -3.66
N LYS F 48 -10.63 20.31 -4.79
CA LYS F 48 -9.55 20.31 -5.78
C LYS F 48 -9.10 21.75 -6.00
N GLU F 49 -10.07 22.66 -6.06
CA GLU F 49 -9.76 24.07 -6.32
C GLU F 49 -8.98 24.72 -5.19
N ILE F 50 -9.36 24.40 -3.95
CA ILE F 50 -8.69 24.95 -2.80
C ILE F 50 -7.29 24.36 -2.60
N ALA F 51 -7.13 23.07 -2.86
CA ALA F 51 -5.80 22.48 -2.76
C ALA F 51 -4.84 23.03 -3.81
N ALA F 52 -5.35 23.24 -5.03
CA ALA F 52 -4.53 23.77 -6.11
C ALA F 52 -3.95 25.16 -5.78
N GLU F 53 -4.72 25.98 -5.06
CA GLU F 53 -4.20 27.25 -4.55
C GLU F 53 -2.93 27.06 -3.73
N HIS F 54 -2.77 25.90 -3.10
CA HIS F 54 -1.59 25.62 -2.31
C HIS F 54 -0.63 24.65 -3.01
N GLY F 55 -0.85 24.42 -4.30
CA GLY F 55 0.06 23.64 -5.10
C GLY F 55 -0.16 22.14 -5.11
N LEU F 56 -1.33 21.69 -4.68
CA LEU F 56 -1.62 20.26 -4.69
C LEU F 56 -2.73 19.88 -5.68
N VAL F 57 -2.52 18.77 -6.39
CA VAL F 57 -3.55 18.22 -7.26
C VAL F 57 -4.26 17.10 -6.49
N ALA F 58 -5.44 17.40 -5.96
CA ALA F 58 -6.08 16.52 -5.00
C ALA F 58 -7.02 15.49 -5.62
N GLU F 59 -6.94 14.27 -5.10
CA GLU F 59 -7.82 13.15 -5.44
C GLU F 59 -8.76 12.85 -4.26
N SER F 60 -8.17 12.71 -3.09
CA SER F 60 -8.96 12.37 -1.91
C SER F 60 -8.76 13.32 -0.74
N PHE F 61 -9.66 13.20 0.21
CA PHE F 61 -9.80 14.18 1.27
C PHE F 61 -10.36 13.52 2.54
N PHE F 62 -9.91 13.98 3.71
CA PHE F 62 -10.53 13.61 4.96
C PHE F 62 -10.28 14.65 6.03
N LEU F 63 -11.05 14.57 7.11
CA LEU F 63 -10.99 15.54 8.19
C LEU F 63 -10.36 14.86 9.41
N VAL F 64 -9.51 15.55 10.13
CA VAL F 64 -9.03 15.07 11.44
C VAL F 64 -9.47 16.06 12.49
N SER F 65 -10.56 15.71 13.19
CA SER F 65 -11.15 16.60 14.19
C SER F 65 -10.49 16.37 15.54
N LEU F 66 -10.10 17.46 16.20
CA LEU F 66 -9.68 17.41 17.58
C LEU F 66 -10.89 17.09 18.42
N ASN F 67 -10.85 16.00 19.18
CA ASN F 67 -12.01 15.53 19.92
C ASN F 67 -11.83 15.67 21.43
N ASP F 68 -10.65 16.16 21.84
CA ASP F 68 -10.26 16.33 23.23
C ASP F 68 -9.45 17.61 23.44
N LYS F 69 -10.11 18.63 23.98
CA LYS F 69 -9.49 19.95 24.17
C LYS F 69 -8.06 19.91 24.72
N ASN F 70 -7.80 19.01 25.67
CA ASN F 70 -6.49 18.97 26.32
C ASN F 70 -5.38 18.50 25.38
N SER F 71 -5.78 17.99 24.22
CA SER F 71 -4.81 17.48 23.27
C SER F 71 -4.54 18.52 22.18
N ALA F 72 -5.04 19.74 22.40
CA ALA F 72 -4.90 20.81 21.43
C ALA F 72 -3.45 21.08 21.12
N ASP F 73 -2.56 20.72 22.03
CA ASP F 73 -1.15 21.05 21.89
C ASP F 73 -0.44 20.03 21.01
N LEU F 74 -1.16 18.96 20.70
CA LEU F 74 -0.62 17.87 19.88
C LEU F 74 -0.93 18.02 18.40
N ILE F 75 -1.74 19.02 18.07
CA ILE F 75 -2.11 19.20 16.69
C ILE F 75 -0.88 19.21 15.80
N PRO F 76 0.20 19.86 16.24
CA PRO F 76 1.36 19.89 15.34
C PRO F 76 2.05 18.54 15.21
N ILE F 77 2.13 17.75 16.29
CA ILE F 77 2.77 16.46 16.16
C ILE F 77 1.92 15.51 15.32
N VAL F 78 0.59 15.69 15.40
CA VAL F 78 -0.34 14.92 14.56
C VAL F 78 -0.18 15.29 13.08
N SER F 79 -0.17 16.58 12.78
CA SER F 79 0.11 16.99 11.41
C SER F 79 1.41 16.41 10.92
N LYS F 80 2.39 16.33 11.81
CA LYS F 80 3.74 15.97 11.40
C LYS F 80 3.78 14.49 11.12
N ILE F 81 3.02 13.75 11.91
CA ILE F 81 2.92 12.31 11.74
C ILE F 81 2.26 11.98 10.40
N LEU F 82 1.17 12.68 10.08
CA LEU F 82 0.48 12.52 8.80
C LEU F 82 1.41 12.78 7.60
N VAL F 83 2.14 13.89 7.63
CA VAL F 83 3.04 14.19 6.53
C VAL F 83 4.14 13.12 6.34
N ASP F 84 4.64 12.56 7.44
CA ASP F 84 5.70 11.56 7.39
C ASP F 84 5.14 10.18 7.04
N GLY F 85 3.83 10.04 7.18
CA GLY F 85 3.16 8.77 6.97
C GLY F 85 2.76 8.54 5.52
N PHE F 86 2.58 9.64 4.79
CA PHE F 86 2.31 9.56 3.37
C PHE F 86 3.58 9.86 2.61
N ASN F 87 4.26 8.81 2.17
CA ASN F 87 5.50 8.94 1.41
C ASN F 87 5.40 10.10 0.40
N GLY F 88 6.48 10.87 0.31
CA GLY F 88 6.56 11.99 -0.62
C GLY F 88 5.66 13.15 -0.26
N GLY F 89 5.56 14.12 -1.17
CA GLY F 89 4.74 15.30 -0.96
C GLY F 89 3.31 15.12 -1.43
N ALA F 90 2.66 14.06 -0.95
CA ALA F 90 1.32 13.72 -1.38
C ALA F 90 0.20 14.41 -0.58
N ILE F 91 0.54 15.23 0.40
CA ILE F 91 -0.48 15.68 1.33
C ILE F 91 -0.40 17.16 1.70
N LEU F 92 -1.56 17.76 1.89
CA LEU F 92 -1.68 19.15 2.27
C LEU F 92 -2.63 19.27 3.45
N ILE F 93 -2.17 19.83 4.56
CA ILE F 93 -3.01 19.96 5.74
C ILE F 93 -3.28 21.43 6.06
N LEU F 94 -4.55 21.79 6.17
CA LEU F 94 -4.92 23.15 6.46
C LEU F 94 -5.75 23.15 7.70
N GLN F 95 -5.19 23.60 8.82
CA GLN F 95 -6.02 23.67 10.01
C GLN F 95 -7.18 24.60 9.70
N ASP F 96 -8.37 24.12 10.04
CA ASP F 96 -9.66 24.73 9.67
C ASP F 96 -9.80 25.18 8.23
N ASN F 97 -9.10 24.48 7.34
CA ASN F 97 -9.06 24.88 5.95
C ASN F 97 -8.49 26.28 5.73
N GLU F 98 -7.74 26.81 6.70
CA GLU F 98 -7.07 28.12 6.54
C GLU F 98 -5.56 28.01 6.72
N TYR F 99 -5.10 27.54 7.86
CA TYR F 99 -3.69 27.60 8.22
C TYR F 99 -2.92 26.35 7.75
N ARG F 100 -1.87 26.56 6.97
CA ARG F 100 -1.05 25.45 6.47
C ARG F 100 -0.14 24.81 7.51
N ARG F 101 -0.17 23.49 7.56
CA ARG F 101 0.70 22.73 8.47
C ARG F 101 1.79 21.97 7.71
N THR F 102 1.64 21.85 6.40
CA THR F 102 2.60 21.09 5.60
C THR F 102 3.86 21.87 5.23
N GLY G 42 36.57 -12.92 -38.34
CA GLY G 42 35.35 -12.33 -37.83
C GLY G 42 34.11 -12.81 -38.56
N SER G 43 33.01 -12.95 -37.83
CA SER G 43 31.78 -13.52 -38.38
C SER G 43 30.59 -13.06 -37.56
N LEU G 44 29.40 -13.27 -38.09
CA LEU G 44 28.20 -12.80 -37.46
C LEU G 44 27.16 -13.89 -37.59
N SER G 45 26.57 -14.31 -36.48
CA SER G 45 25.58 -15.38 -36.51
C SER G 45 24.35 -15.06 -35.66
N GLY G 46 23.51 -16.04 -35.42
CA GLY G 46 22.32 -15.82 -34.63
C GLY G 46 21.35 -14.98 -35.40
N LYS G 47 20.08 -14.99 -35.00
CA LYS G 47 19.04 -14.23 -35.68
C LYS G 47 19.10 -12.70 -35.39
N PRO G 48 19.37 -11.87 -36.42
CA PRO G 48 19.40 -10.41 -36.23
C PRO G 48 18.05 -9.88 -35.76
N THR G 49 18.08 -8.82 -34.98
CA THR G 49 16.83 -8.36 -34.38
C THR G 49 15.81 -7.99 -35.44
N GLN G 50 14.58 -8.41 -35.23
CA GLN G 50 13.48 -8.01 -36.11
C GLN G 50 12.68 -6.94 -35.41
N ILE G 51 12.64 -5.76 -36.01
CA ILE G 51 12.00 -4.63 -35.36
C ILE G 51 10.50 -4.68 -35.54
N PRO G 52 9.77 -4.81 -34.44
CA PRO G 52 8.31 -4.69 -34.49
C PRO G 52 7.95 -3.41 -35.23
N PRO G 53 7.04 -3.52 -36.19
CA PRO G 53 6.68 -2.43 -37.09
C PRO G 53 6.11 -1.24 -36.32
N LEU G 54 5.43 -1.51 -35.22
CA LEU G 54 4.80 -0.42 -34.48
C LEU G 54 5.73 0.31 -33.49
N SER G 55 6.96 -0.17 -33.36
CA SER G 55 7.98 0.50 -32.53
C SER G 55 8.10 1.97 -32.91
N ASP G 56 8.18 2.86 -31.92
CA ASP G 56 8.31 4.28 -32.25
C ASP G 56 9.73 4.62 -32.67
N GLU G 57 9.97 5.89 -32.96
CA GLU G 57 11.24 6.25 -33.57
C GLU G 57 12.42 5.99 -32.64
N VAL G 58 12.23 6.24 -31.34
CA VAL G 58 13.31 6.05 -30.38
C VAL G 58 13.69 4.60 -30.22
N THR G 59 12.67 3.77 -30.01
CA THR G 59 12.88 2.33 -29.84
C THR G 59 13.52 1.78 -31.10
N THR G 60 12.96 2.19 -32.23
CA THR G 60 13.43 1.71 -33.51
C THR G 60 14.91 1.99 -33.64
N ARG G 61 15.30 3.23 -33.34
CA ARG G 61 16.70 3.64 -33.41
C ARG G 61 17.57 2.73 -32.56
N SER G 62 17.19 2.54 -31.31
CA SER G 62 17.94 1.65 -30.42
C SER G 62 18.20 0.32 -31.12
N LEU G 63 17.12 -0.32 -31.58
CA LEU G 63 17.24 -1.68 -32.13
C LEU G 63 18.18 -1.73 -33.33
N ILE G 64 18.04 -0.75 -34.23
CA ILE G 64 18.86 -0.72 -35.43
C ILE G 64 20.36 -0.54 -35.10
N ARG G 65 20.65 0.32 -34.14
CA ARG G 65 22.02 0.50 -33.69
C ARG G 65 22.56 -0.82 -33.18
N GLU G 66 21.70 -1.52 -32.43
CA GLU G 66 21.99 -2.87 -31.97
C GLU G 66 22.43 -3.77 -33.14
N ASN G 67 21.58 -3.90 -34.17
CA ASN G 67 21.95 -4.68 -35.35
C ASN G 67 23.25 -4.20 -35.99
N GLN G 68 23.41 -2.89 -36.06
CA GLN G 68 24.59 -2.29 -36.68
C GLN G 68 25.91 -2.58 -35.94
N SER G 69 25.90 -2.50 -34.62
CA SER G 69 27.15 -2.76 -33.93
C SER G 69 27.54 -4.21 -34.16
N ALA G 70 26.54 -5.09 -34.22
CA ALA G 70 26.76 -6.48 -34.64
C ALA G 70 27.60 -6.54 -35.90
N VAL G 71 27.04 -5.96 -36.97
CA VAL G 71 27.68 -5.97 -38.30
C VAL G 71 29.09 -5.36 -38.25
N THR G 72 29.18 -4.23 -37.54
CA THR G 72 30.42 -3.48 -37.44
C THR G 72 31.51 -4.34 -36.83
N LEU G 73 31.16 -5.05 -35.74
CA LEU G 73 32.13 -5.83 -34.96
C LEU G 73 32.53 -7.09 -35.69
N ALA G 74 31.55 -7.75 -36.29
CA ALA G 74 31.80 -8.92 -37.15
C ALA G 74 32.87 -8.58 -38.17
N ASN G 75 32.66 -7.48 -38.89
CA ASN G 75 33.63 -7.04 -39.87
C ASN G 75 34.99 -6.67 -39.28
N LYS G 76 35.04 -6.43 -37.97
CA LYS G 76 36.30 -6.07 -37.35
C LYS G 76 37.06 -7.29 -36.84
N GLY G 77 36.56 -8.49 -37.14
CA GLY G 77 37.22 -9.71 -36.74
C GLY G 77 36.71 -10.37 -35.47
N TYR G 78 35.58 -9.88 -34.94
CA TYR G 78 34.96 -10.53 -33.79
C TYR G 78 33.93 -11.55 -34.26
N ASP G 79 33.74 -12.60 -33.48
CA ASP G 79 32.69 -13.56 -33.75
C ASP G 79 31.50 -13.21 -32.89
N VAL G 80 30.40 -12.85 -33.54
CA VAL G 80 29.30 -12.20 -32.86
C VAL G 80 28.04 -13.03 -33.03
N VAL G 81 27.40 -13.40 -31.92
CA VAL G 81 26.13 -14.10 -32.04
C VAL G 81 25.00 -13.22 -31.55
N GLN G 82 24.04 -12.91 -32.42
CA GLN G 82 22.94 -12.06 -32.02
C GLN G 82 21.80 -12.83 -31.38
N ASN G 83 21.25 -12.26 -30.31
CA ASN G 83 20.18 -12.89 -29.58
C ASN G 83 20.42 -14.35 -29.22
N PRO G 84 21.60 -14.65 -28.65
CA PRO G 84 21.92 -16.06 -28.41
C PRO G 84 21.02 -16.68 -27.33
N GLU G 85 20.83 -18.00 -27.37
CA GLU G 85 20.21 -18.73 -26.25
C GLU G 85 21.21 -18.88 -25.12
N VAL G 86 20.85 -18.39 -23.94
CA VAL G 86 21.71 -18.48 -22.78
C VAL G 86 20.91 -18.78 -21.51
N LEU G 87 21.56 -19.51 -20.59
CA LEU G 87 20.90 -20.12 -19.44
C LEU G 87 20.03 -19.17 -18.59
N GLY G 88 20.61 -18.05 -18.14
CA GLY G 88 19.89 -17.10 -17.30
C GLY G 88 18.65 -16.49 -17.93
N PRO G 89 17.61 -16.26 -17.13
CA PRO G 89 16.32 -15.77 -17.63
C PRO G 89 16.49 -14.53 -18.50
N LYS G 90 17.63 -13.83 -18.41
CA LYS G 90 17.87 -12.63 -19.22
C LYS G 90 18.37 -12.98 -20.61
N ASN G 91 17.94 -12.19 -21.60
CA ASN G 91 18.30 -12.42 -23.01
C ASN G 91 19.20 -11.36 -23.63
N PRO G 92 20.51 -11.59 -23.61
CA PRO G 92 21.52 -10.61 -23.99
C PRO G 92 21.53 -10.34 -25.51
N ASP G 93 21.91 -9.13 -25.88
CA ASP G 93 22.01 -8.77 -27.29
C ASP G 93 22.95 -9.72 -28.03
N TYR G 94 24.04 -10.12 -27.37
CA TYR G 94 25.09 -10.81 -28.08
C TYR G 94 25.88 -11.76 -27.25
N THR G 95 26.86 -12.35 -27.93
CA THR G 95 28.01 -13.05 -27.38
C THR G 95 29.19 -12.71 -28.32
N ILE G 96 30.24 -12.02 -27.82
CA ILE G 96 31.29 -11.55 -28.67
C ILE G 96 32.52 -12.34 -28.27
N ASN G 97 32.89 -13.29 -29.14
CA ASN G 97 33.94 -14.26 -28.81
C ASN G 97 33.55 -14.98 -27.54
N GLY G 98 32.26 -15.32 -27.47
CA GLY G 98 31.74 -16.16 -26.40
C GLY G 98 31.30 -15.45 -25.13
N GLN G 99 31.45 -14.14 -25.07
CA GLN G 99 31.03 -13.36 -23.90
C GLN G 99 29.77 -12.56 -24.16
N VAL G 100 28.83 -12.61 -23.22
CA VAL G 100 27.61 -11.81 -23.33
C VAL G 100 27.95 -10.31 -23.28
N PHE G 101 27.43 -9.54 -24.24
CA PHE G 101 27.44 -8.07 -24.21
C PHE G 101 26.05 -7.54 -24.51
N ASP G 102 25.83 -6.31 -24.09
CA ASP G 102 24.63 -5.63 -24.49
C ASP G 102 25.05 -4.37 -25.22
N ASN G 103 24.22 -3.93 -26.17
CA ASN G 103 24.51 -2.71 -26.89
C ASN G 103 23.89 -1.53 -26.17
N TYR G 104 24.67 -0.45 -26.10
CA TYR G 104 24.22 0.83 -25.59
C TYR G 104 24.63 1.89 -26.61
N ALA G 105 23.62 2.60 -27.12
CA ALA G 105 23.86 3.66 -28.09
C ALA G 105 23.25 4.98 -27.59
N PRO G 106 24.05 5.76 -26.85
CA PRO G 106 23.57 7.02 -26.27
C PRO G 106 23.32 8.12 -27.31
N ALA G 107 22.26 8.90 -27.09
CA ALA G 107 22.03 10.10 -27.86
C ALA G 107 22.83 11.25 -27.24
N THR G 108 22.80 11.33 -25.92
CA THR G 108 23.48 12.38 -25.19
C THR G 108 24.97 12.24 -25.42
N GLY G 109 25.69 13.34 -25.21
CA GLY G 109 27.13 13.34 -25.30
C GLY G 109 27.73 13.70 -23.94
N ASN G 110 26.87 13.78 -22.94
CA ASN G 110 27.35 14.03 -21.58
C ASN G 110 28.00 12.78 -20.96
N VAL G 111 29.34 12.76 -20.93
CA VAL G 111 30.10 11.57 -20.55
C VAL G 111 29.77 11.09 -19.13
N ARG G 112 29.51 12.03 -18.24
CA ARG G 112 29.16 11.65 -16.88
C ARG G 112 27.80 10.90 -16.82
N ASN G 113 26.79 11.39 -17.55
CA ASN G 113 25.51 10.68 -17.63
C ASN G 113 25.59 9.32 -18.31
N ILE G 114 26.57 9.15 -19.19
CA ILE G 114 26.74 7.89 -19.88
C ILE G 114 27.29 6.84 -18.91
N ALA G 115 28.36 7.20 -18.20
CA ALA G 115 28.87 6.33 -17.12
C ALA G 115 27.79 6.03 -16.08
N THR G 116 27.01 7.03 -15.69
CA THR G 116 25.92 6.82 -14.73
C THR G 116 24.90 5.82 -15.28
N THR G 117 24.45 6.05 -16.50
CA THR G 117 23.53 5.15 -17.15
C THR G 117 24.11 3.72 -17.25
N ILE G 118 25.40 3.62 -17.56
CA ILE G 118 26.02 2.32 -17.76
C ILE G 118 26.13 1.60 -16.44
N SER G 119 26.56 2.33 -15.42
CA SER G 119 26.69 1.80 -14.07
C SER G 119 25.40 1.14 -13.58
N ASN G 120 24.30 1.90 -13.62
CA ASN G 120 22.99 1.35 -13.27
C ASN G 120 22.49 0.20 -14.14
N LYS G 121 22.88 0.16 -15.41
CA LYS G 121 22.55 -0.99 -16.23
C LYS G 121 23.28 -2.22 -15.66
N VAL G 122 24.51 -2.02 -15.22
CA VAL G 122 25.27 -3.06 -14.58
C VAL G 122 24.60 -3.40 -13.25
N SER G 123 24.50 -2.43 -12.36
CA SER G 123 24.03 -2.67 -11.00
C SER G 123 22.59 -3.24 -10.95
N SER G 124 21.65 -2.58 -11.63
CA SER G 124 20.26 -3.02 -11.57
C SER G 124 19.91 -3.96 -12.72
N GLY G 125 20.53 -3.74 -13.87
CA GLY G 125 20.21 -4.51 -15.06
C GLY G 125 20.88 -5.86 -15.21
N GLN G 126 22.05 -6.04 -14.59
CA GLN G 126 22.80 -7.28 -14.72
C GLN G 126 23.61 -7.35 -16.00
N ALA G 127 23.89 -6.19 -16.60
CA ALA G 127 24.80 -6.13 -17.73
C ALA G 127 26.21 -6.17 -17.20
N SER G 128 27.06 -7.00 -17.79
CA SER G 128 28.47 -6.96 -17.44
C SER G 128 29.26 -6.32 -18.57
N ASN G 129 29.35 -6.99 -19.71
CA ASN G 129 30.10 -6.43 -20.83
C ASN G 129 29.21 -5.57 -21.73
N ILE G 130 29.70 -4.37 -22.07
CA ILE G 130 28.91 -3.41 -22.83
C ILE G 130 29.62 -2.89 -24.07
N VAL G 131 28.90 -2.92 -25.20
CA VAL G 131 29.31 -2.24 -26.41
C VAL G 131 28.69 -0.85 -26.42
N VAL G 132 29.53 0.17 -26.43
CA VAL G 132 29.02 1.52 -26.53
C VAL G 132 29.19 2.06 -27.94
N ASN G 133 28.06 2.40 -28.54
CA ASN G 133 28.06 2.78 -29.94
C ASN G 133 27.74 4.27 -30.08
N LEU G 134 28.68 5.04 -30.62
CA LEU G 134 28.56 6.49 -30.53
C LEU G 134 27.84 7.13 -31.71
N ALA G 135 27.18 6.31 -32.52
CA ALA G 135 26.46 6.81 -33.69
C ALA G 135 25.76 8.15 -33.44
N ASP G 136 24.98 8.25 -32.38
CA ASP G 136 24.15 9.43 -32.19
C ASP G 136 24.61 10.37 -31.10
N SER G 137 25.84 10.14 -30.63
CA SER G 137 26.41 10.84 -29.48
C SER G 137 27.65 11.70 -29.82
N SER G 138 27.73 12.88 -29.22
CA SER G 138 28.91 13.70 -29.35
C SER G 138 30.02 13.41 -28.31
N ALA G 139 29.83 12.42 -27.45
CA ALA G 139 30.92 12.05 -26.53
C ALA G 139 32.12 11.41 -27.24
N SER G 140 33.32 11.65 -26.77
CA SER G 140 34.51 11.08 -27.40
C SER G 140 34.90 9.79 -26.71
N PRO G 141 35.51 8.87 -27.48
CA PRO G 141 35.95 7.60 -26.89
C PRO G 141 37.02 7.81 -25.82
N ALA G 142 37.95 8.73 -26.06
CA ALA G 142 38.95 9.06 -25.05
C ALA G 142 38.32 9.51 -23.72
N ALA G 143 37.31 10.37 -23.80
CA ALA G 143 36.65 10.88 -22.60
C ALA G 143 35.90 9.78 -21.88
N ILE G 144 35.22 8.93 -22.65
CA ILE G 144 34.49 7.84 -22.03
C ILE G 144 35.45 6.87 -21.33
N GLU G 145 36.60 6.60 -21.95
CA GLU G 145 37.64 5.79 -21.33
C GLU G 145 38.22 6.43 -20.05
N ALA G 146 38.43 7.74 -20.07
CA ALA G 146 39.05 8.42 -18.93
C ALA G 146 38.08 8.47 -17.77
N GLN G 147 36.84 8.81 -18.07
CA GLN G 147 35.72 8.77 -17.13
C GLN G 147 35.63 7.44 -16.39
N ILE G 148 35.64 6.35 -17.16
CA ILE G 148 35.53 5.03 -16.56
C ILE G 148 36.76 4.61 -15.77
N ASN G 149 37.94 5.10 -16.12
CA ASN G 149 39.12 4.75 -15.36
C ASN G 149 39.16 5.49 -14.03
N SER G 150 38.78 6.76 -14.08
CA SER G 150 38.90 7.63 -12.93
C SER G 150 37.81 7.36 -11.91
N TYR G 151 36.67 6.90 -12.42
CA TYR G 151 35.50 6.64 -11.58
C TYR G 151 34.98 5.24 -11.85
N PRO G 152 35.69 4.23 -11.32
CA PRO G 152 35.43 2.81 -11.63
C PRO G 152 33.97 2.44 -11.40
N ILE G 153 33.40 1.68 -12.33
CA ILE G 153 32.06 1.14 -12.17
C ILE G 153 32.12 -0.31 -11.67
N PRO G 154 31.58 -0.56 -10.47
CA PRO G 154 31.55 -1.91 -9.85
C PRO G 154 30.67 -2.83 -10.65
N GLY G 155 31.19 -4.01 -11.01
CA GLY G 155 30.43 -5.00 -11.76
C GLY G 155 30.73 -5.02 -13.26
N LEU G 156 31.17 -3.87 -13.78
CA LEU G 156 31.45 -3.69 -15.22
C LEU G 156 32.55 -4.58 -15.76
N GLY G 157 32.24 -5.27 -16.86
CA GLY G 157 33.22 -6.09 -17.57
C GLY G 157 33.97 -5.34 -18.65
N LYS G 158 34.02 -5.91 -19.86
CA LYS G 158 34.67 -5.29 -21.01
C LYS G 158 33.76 -4.27 -21.69
N VAL G 159 34.29 -3.07 -21.93
CA VAL G 159 33.59 -2.05 -22.73
C VAL G 159 34.24 -1.86 -24.13
N ILE G 160 33.50 -2.21 -25.17
CA ILE G 160 33.94 -1.92 -26.52
C ILE G 160 33.23 -0.67 -27.03
N VAL G 161 34.01 0.31 -27.47
CA VAL G 161 33.47 1.53 -28.05
C VAL G 161 33.61 1.58 -29.56
N ILE G 162 32.49 1.86 -30.21
CA ILE G 162 32.48 2.05 -31.65
C ILE G 162 32.26 3.53 -31.88
N ASP G 163 33.22 4.20 -32.53
CA ASP G 163 33.07 5.65 -32.73
C ASP G 163 32.21 5.93 -33.95
N LYS G 164 31.95 7.20 -34.18
CA LYS G 164 31.16 7.62 -35.34
C LYS G 164 31.74 7.16 -36.70
N LEU G 165 33.03 6.84 -36.77
CA LEU G 165 33.66 6.29 -38.00
C LEU G 165 33.81 4.76 -37.92
N GLY G 166 33.17 4.15 -36.93
CA GLY G 166 33.21 2.70 -36.79
C GLY G 166 34.54 2.12 -36.35
N ASN G 167 35.42 2.93 -35.76
CA ASN G 167 36.65 2.40 -35.21
C ASN G 167 36.50 2.02 -33.75
N ILE G 168 37.29 1.03 -33.35
CA ILE G 168 37.09 0.34 -32.11
C ILE G 168 38.17 0.63 -31.09
N THR G 169 37.74 0.96 -29.87
CA THR G 169 38.65 1.00 -28.75
C THR G 169 38.06 0.12 -27.66
N ILE G 170 38.93 -0.48 -26.86
CA ILE G 170 38.49 -1.41 -25.82
C ILE G 170 38.88 -0.91 -24.44
N ILE G 171 37.95 -1.03 -23.50
CA ILE G 171 38.23 -0.64 -22.11
C ILE G 171 38.14 -1.87 -21.22
N LYS G 172 39.31 -2.40 -20.84
CA LYS G 172 39.40 -3.68 -20.13
C LYS G 172 38.96 -3.51 -18.68
N PRO G 173 38.47 -4.60 -18.09
CA PRO G 173 38.02 -4.60 -16.69
C PRO G 173 39.19 -4.77 -15.71
N ALA H 2 20.62 -2.96 -25.82
CA ALA H 2 19.50 -3.36 -24.95
C ALA H 2 18.65 -2.16 -24.60
N ILE H 3 17.41 -2.40 -24.15
CA ILE H 3 16.51 -1.30 -23.85
C ILE H 3 15.99 -1.36 -22.41
N ASP H 4 16.19 -0.29 -21.67
CA ASP H 4 15.85 -0.28 -20.27
C ASP H 4 15.07 0.95 -19.94
N LEU H 5 13.96 0.82 -19.22
CA LEU H 5 13.31 2.02 -18.71
C LEU H 5 13.85 2.35 -17.32
N PHE H 6 14.48 3.52 -17.18
CA PHE H 6 14.91 3.98 -15.86
C PHE H 6 13.72 4.63 -15.18
N CYS H 7 13.33 4.07 -14.04
CA CYS H 7 12.13 4.52 -13.33
C CYS H 7 12.48 5.14 -11.99
N TYR H 8 12.10 6.39 -11.82
CA TYR H 8 12.35 7.12 -10.59
C TYR H 8 11.01 7.29 -9.93
N LEU H 9 11.01 7.19 -8.59
CA LEU H 9 9.82 7.39 -7.79
C LEU H 9 10.06 8.38 -6.64
N SER H 10 9.06 9.18 -6.34
CA SER H 10 9.11 10.08 -5.20
C SER H 10 8.72 9.34 -3.91
N ILE H 11 8.45 8.04 -4.02
CA ILE H 11 8.00 7.23 -2.89
C ILE H 11 9.08 6.27 -2.39
N ASP H 12 8.97 5.86 -1.13
CA ASP H 12 10.02 5.07 -0.50
C ASP H 12 10.20 3.70 -1.16
N ARG H 13 11.44 3.23 -1.18
CA ARG H 13 11.77 1.90 -1.71
C ARG H 13 10.76 0.78 -1.38
N GLY H 14 10.43 0.64 -0.10
CA GLY H 14 9.49 -0.38 0.36
C GLY H 14 8.07 -0.26 -0.19
N ALA H 15 7.51 0.95 -0.10
CA ALA H 15 6.20 1.19 -0.70
C ALA H 15 6.24 1.00 -2.23
N ALA H 16 7.31 1.49 -2.85
CA ALA H 16 7.54 1.28 -4.29
C ALA H 16 7.48 -0.19 -4.67
N GLU H 17 8.36 -1.01 -4.11
CA GLU H 17 8.34 -2.46 -4.35
C GLU H 17 6.95 -3.06 -4.17
N SER H 18 6.30 -2.73 -3.06
CA SER H 18 4.95 -3.19 -2.79
C SER H 18 3.94 -2.78 -3.88
N ASP H 19 3.93 -1.50 -4.24
CA ASP H 19 2.99 -1.00 -5.26
C ASP H 19 3.28 -1.64 -6.60
N LEU H 20 4.55 -1.98 -6.80
CA LEU H 20 5.04 -2.47 -8.08
C LEU H 20 4.75 -3.96 -8.22
N ASN H 21 4.81 -4.70 -7.10
CA ASN H 21 4.36 -6.08 -7.10
C ASN H 21 2.92 -6.22 -7.60
N LYS H 22 2.02 -5.34 -7.14
CA LYS H 22 0.61 -5.42 -7.53
C LYS H 22 0.41 -5.13 -9.01
N ILE H 23 0.98 -4.02 -9.46
CA ILE H 23 0.93 -3.62 -10.87
C ILE H 23 1.36 -4.77 -11.80
N ARG H 24 2.48 -5.41 -11.50
CA ARG H 24 2.96 -6.47 -12.36
C ARG H 24 1.95 -7.63 -12.50
N SER H 25 1.28 -7.97 -11.41
CA SER H 25 0.35 -9.12 -11.42
C SER H 25 -1.05 -8.77 -11.93
N ASN H 26 -1.29 -7.49 -12.18
CA ASN H 26 -2.50 -7.07 -12.90
C ASN H 26 -2.29 -7.17 -14.41
N HIS H 27 -1.02 -7.23 -14.81
CA HIS H 27 -0.67 -7.32 -16.22
C HIS H 27 0.49 -8.30 -16.38
N SER H 28 0.39 -9.44 -15.72
CA SER H 28 1.48 -10.40 -15.75
C SER H 28 1.67 -10.88 -17.18
N GLU H 29 0.54 -11.04 -17.86
CA GLU H 29 0.47 -11.53 -19.25
C GLU H 29 1.44 -10.71 -20.11
N LEU H 30 1.30 -9.39 -19.97
CA LEU H 30 2.17 -8.39 -20.56
C LEU H 30 3.65 -8.48 -20.16
N PHE H 31 3.91 -8.64 -18.87
CA PHE H 31 5.28 -8.61 -18.40
C PHE H 31 6.00 -9.94 -18.50
N GLU H 32 5.33 -11.03 -18.13
CA GLU H 32 5.99 -12.34 -18.03
C GLU H 32 6.74 -12.74 -19.30
N GLY H 33 8.06 -12.92 -19.15
CA GLY H 33 8.94 -13.27 -20.25
C GLY H 33 9.24 -12.17 -21.28
N LYS H 34 8.50 -11.07 -21.21
CA LYS H 34 8.71 -9.97 -22.14
C LYS H 34 9.59 -8.87 -21.53
N PHE H 35 9.39 -8.62 -20.25
CA PHE H 35 10.18 -7.64 -19.51
C PHE H 35 10.67 -8.16 -18.17
N LEU H 36 11.88 -7.76 -17.79
CA LEU H 36 12.42 -8.00 -16.45
C LEU H 36 12.36 -6.72 -15.61
N ILE H 37 11.77 -6.82 -14.42
CA ILE H 37 11.78 -5.71 -13.46
C ILE H 37 12.85 -5.94 -12.42
N SER H 38 13.80 -5.01 -12.32
CA SER H 38 14.87 -5.14 -11.33
C SER H 38 14.34 -4.99 -9.92
N PRO H 39 15.11 -5.45 -8.92
CA PRO H 39 14.88 -5.10 -7.51
C PRO H 39 14.80 -3.58 -7.37
N VAL H 40 13.93 -3.08 -6.47
CA VAL H 40 13.81 -1.66 -6.24
C VAL H 40 14.92 -1.26 -5.28
N ARG H 41 15.52 -0.09 -5.49
CA ARG H 41 16.56 0.37 -4.57
C ARG H 41 16.49 1.85 -4.34
N ASP H 42 17.14 2.30 -3.29
CA ASP H 42 17.28 3.73 -3.03
C ASP H 42 17.95 4.44 -4.19
N ALA H 43 17.35 5.56 -4.57
CA ALA H 43 18.00 6.50 -5.49
C ALA H 43 19.25 7.06 -4.82
N ASP H 44 20.41 6.83 -5.40
CA ASP H 44 21.56 7.50 -4.82
C ASP H 44 21.70 8.93 -5.37
N PHE H 45 22.77 9.62 -4.99
CA PHE H 45 22.96 11.00 -5.39
C PHE H 45 22.85 11.22 -6.91
N SER H 46 23.64 10.48 -7.69
CA SER H 46 23.59 10.67 -9.15
C SER H 46 22.16 10.62 -9.68
N LEU H 47 21.43 9.56 -9.35
CA LEU H 47 20.05 9.42 -9.78
C LEU H 47 19.19 10.58 -9.29
N LYS H 48 19.18 10.84 -7.97
CA LYS H 48 18.43 11.98 -7.44
C LYS H 48 18.71 13.21 -8.31
N GLU H 49 19.96 13.36 -8.71
CA GLU H 49 20.36 14.52 -9.52
C GLU H 49 19.76 14.51 -10.92
N ILE H 50 19.72 13.33 -11.53
CA ILE H 50 19.15 13.20 -12.85
C ILE H 50 17.63 13.33 -12.86
N ALA H 51 16.96 12.78 -11.86
CA ALA H 51 15.52 12.93 -11.77
C ALA H 51 15.12 14.40 -11.53
N ALA H 52 15.87 15.10 -10.69
CA ALA H 52 15.60 16.52 -10.42
C ALA H 52 15.63 17.38 -11.69
N GLU H 53 16.55 17.07 -12.61
CA GLU H 53 16.56 17.72 -13.92
C GLU H 53 15.20 17.65 -14.61
N HIS H 54 14.43 16.60 -14.32
CA HIS H 54 13.12 16.42 -14.94
C HIS H 54 11.98 16.72 -13.95
N GLY H 55 12.32 17.36 -12.83
CA GLY H 55 11.31 17.81 -11.90
C GLY H 55 10.86 16.82 -10.82
N LEU H 56 11.60 15.74 -10.63
CA LEU H 56 11.22 14.75 -9.63
C LEU H 56 12.21 14.68 -8.46
N VAL H 57 11.68 14.56 -7.25
CA VAL H 57 12.50 14.35 -6.07
C VAL H 57 12.50 12.85 -5.74
N ALA H 58 13.58 12.17 -6.11
CA ALA H 58 13.55 10.71 -6.12
C ALA H 58 14.04 10.09 -4.81
N GLU H 59 13.34 9.03 -4.41
CA GLU H 59 13.68 8.19 -3.28
C GLU H 59 14.14 6.81 -3.76
N SER H 60 13.35 6.22 -4.64
CA SER H 60 13.68 4.88 -5.11
C SER H 60 13.72 4.77 -6.62
N PHE H 61 14.27 3.66 -7.07
CA PHE H 61 14.61 3.49 -8.45
C PHE H 61 14.59 2.01 -8.84
N PHE H 62 14.18 1.71 -10.07
CA PHE H 62 14.34 0.37 -10.63
C PHE H 62 14.38 0.42 -12.15
N LEU H 63 14.82 -0.68 -12.75
CA LEU H 63 14.99 -0.78 -14.19
C LEU H 63 13.92 -1.73 -14.73
N VAL H 64 13.32 -1.42 -15.87
CA VAL H 64 12.45 -2.36 -16.58
C VAL H 64 13.08 -2.68 -17.93
N SER H 65 13.77 -3.81 -18.01
CA SER H 65 14.49 -4.20 -19.21
C SER H 65 13.57 -4.94 -20.16
N LEU H 66 13.59 -4.57 -21.43
CA LEU H 66 12.92 -5.33 -22.47
C LEU H 66 13.71 -6.59 -22.66
N ASN H 67 13.05 -7.74 -22.51
CA ASN H 67 13.72 -9.03 -22.51
C ASN H 67 13.35 -9.86 -23.75
N ASP H 68 12.44 -9.31 -24.55
CA ASP H 68 11.92 -9.96 -25.75
C ASP H 68 11.75 -8.97 -26.90
N LYS H 69 12.68 -9.00 -27.85
CA LYS H 69 12.68 -8.07 -28.98
C LYS H 69 11.30 -7.82 -29.57
N ASN H 70 10.51 -8.87 -29.74
CA ASN H 70 9.21 -8.75 -30.42
C ASN H 70 8.20 -7.94 -29.63
N SER H 71 8.55 -7.64 -28.38
CA SER H 71 7.64 -6.88 -27.55
C SER H 71 8.07 -5.41 -27.49
N ALA H 72 9.00 -5.04 -28.36
CA ALA H 72 9.53 -3.69 -28.39
C ALA H 72 8.44 -2.67 -28.60
N ASP H 73 7.33 -3.10 -29.19
CA ASP H 73 6.25 -2.17 -29.55
C ASP H 73 5.34 -1.89 -28.37
N LEU H 74 5.56 -2.65 -27.30
CA LEU H 74 4.75 -2.53 -26.08
C LEU H 74 5.36 -1.58 -25.05
N ILE H 75 6.58 -1.13 -25.32
CA ILE H 75 7.25 -0.26 -24.37
C ILE H 75 6.35 0.88 -23.96
N PRO H 76 5.61 1.46 -24.91
CA PRO H 76 4.75 2.57 -24.49
C PRO H 76 3.58 2.15 -23.63
N ILE H 77 2.96 1.00 -23.90
CA ILE H 77 1.84 0.59 -23.06
C ILE H 77 2.33 0.18 -21.67
N VAL H 78 3.54 -0.37 -21.60
CA VAL H 78 4.19 -0.68 -20.32
C VAL H 78 4.48 0.60 -19.52
N SER H 79 5.08 1.59 -20.16
CA SER H 79 5.30 2.85 -19.50
C SER H 79 3.99 3.42 -18.98
N LYS H 80 2.93 3.21 -19.74
CA LYS H 80 1.66 3.86 -19.45
C LYS H 80 1.03 3.17 -18.26
N ILE H 81 1.20 1.86 -18.21
CA ILE H 81 0.70 1.05 -17.12
C ILE H 81 1.39 1.45 -15.82
N LEU H 82 2.72 1.62 -15.86
CA LEU H 82 3.48 2.07 -14.69
C LEU H 82 3.00 3.43 -14.17
N VAL H 83 2.85 4.40 -15.06
CA VAL H 83 2.38 5.71 -14.62
C VAL H 83 0.97 5.66 -13.98
N ASP H 84 0.09 4.82 -14.49
CA ASP H 84 -1.27 4.73 -13.96
C ASP H 84 -1.32 3.88 -12.70
N GLY H 85 -0.25 3.12 -12.47
CA GLY H 85 -0.19 2.19 -11.36
C GLY H 85 0.33 2.84 -10.09
N PHE H 86 1.10 3.91 -10.25
CA PHE H 86 1.57 4.67 -9.12
C PHE H 86 0.72 5.91 -9.01
N ASN H 87 -0.27 5.87 -8.11
CA ASN H 87 -1.15 7.00 -7.86
C ASN H 87 -0.37 8.33 -7.87
N GLY H 88 -0.94 9.33 -8.53
CA GLY H 88 -0.35 10.66 -8.60
C GLY H 88 0.88 10.73 -9.47
N GLY H 89 1.56 11.89 -9.44
CA GLY H 89 2.76 12.09 -10.22
C GLY H 89 4.02 11.65 -9.48
N ALA H 90 4.04 10.40 -9.02
CA ALA H 90 5.15 9.89 -8.24
C ALA H 90 6.29 9.29 -9.08
N ILE H 91 6.15 9.26 -10.39
CA ILE H 91 7.10 8.47 -11.17
C ILE H 91 7.60 9.16 -12.44
N LEU H 92 8.85 8.88 -12.79
CA LEU H 92 9.50 9.43 -13.96
C LEU H 92 10.18 8.31 -14.71
N ILE H 93 9.83 8.13 -15.98
CA ILE H 93 10.40 7.05 -16.77
C ILE H 93 11.22 7.60 -17.92
N LEU H 94 12.48 7.21 -17.99
CA LEU H 94 13.35 7.66 -19.05
C LEU H 94 13.84 6.45 -19.81
N GLN H 95 13.32 6.23 -21.01
CA GLN H 95 13.88 5.13 -21.79
C GLN H 95 15.37 5.38 -21.97
N ASP H 96 16.15 4.34 -21.69
CA ASP H 96 17.61 4.37 -21.58
C ASP H 96 18.19 5.54 -20.81
N ASN H 97 17.43 6.02 -19.84
CA ASN H 97 17.84 7.20 -19.08
C ASN H 97 18.00 8.44 -19.97
N GLU H 98 17.38 8.44 -21.15
CA GLU H 98 17.41 9.61 -22.05
C GLU H 98 16.00 10.13 -22.37
N TYR H 99 15.18 9.28 -22.98
CA TYR H 99 13.90 9.71 -23.53
C TYR H 99 12.75 9.60 -22.50
N ARG H 100 12.06 10.70 -22.28
CA ARG H 100 10.96 10.73 -21.30
C ARG H 100 9.68 10.06 -21.77
N ARG H 101 9.12 9.19 -20.93
CA ARG H 101 7.86 8.53 -21.25
C ARG H 101 6.70 9.06 -20.39
N THR H 102 7.04 9.77 -19.31
CA THR H 102 6.05 10.32 -18.41
C THR H 102 5.52 11.64 -18.94
#